data_5CI5
#
_entry.id   5CI5
#
_cell.length_a   73.363
_cell.length_b   93.077
_cell.length_c   103.637
_cell.angle_alpha   90.000
_cell.angle_beta   90.000
_cell.angle_gamma   90.000
#
_symmetry.space_group_name_H-M   'P 21 21 21'
#
loop_
_entity.id
_entity.type
_entity.pdbx_description
1 polymer 'Extracellular solute-binding protein family 1'
2 non-polymer alpha-D-tagatopyranose
3 non-polymer 1,2-ETHANEDIOL
4 non-polymer 'PENTAETHYLENE GLYCOL'
5 water water
#
_entity_poly.entity_id   1
_entity_poly.type   'polypeptide(L)'
_entity_poly.pdbx_seq_one_letter_code
;(MSE)HHHHHHSSGVDLGTENLYFQSKTLTIWIGGQVAELDETWNSVIKTFEEKYGISVEVQLFGFDTYYDKLVTALQAG
KGPDLAFADLGGWVPTFAEKGWLEP(MSE)EEHLKNWEGTAQIWPNLWPTVTYKKIRYGLPWYTDCRLLLYNKA(MSE)F
EKAGLNPDNPPKTWDELLDAALKITDTKNRIYGYGVSGTKTEHTTLGY(MSE)(MSE)FLYAAGGKLLTDDYSKAAFDSP
EGLKALKFYTDLAKKYNVSPNAIQYHEDDYRN(MSE)(MSE)AQNRVA(MSE)AIGGPWSFPLIEAANPDIAGKYSVALH
PYDAKPASVLGGWALVIPSSSPNKEDAWKLAEYLTSFDVW(MSE)KWVEEKGGP(MSE)PTR(MSE)DVCKKSKLANDVK
WQIIFETFPHAVARPPIPQYPQISEQIQT(MSE)VQRVLLGELTPEEAIKIAAENVNKILGAK
;
_entity_poly.pdbx_strand_id   A,B
#
# COMPACT_ATOMS: atom_id res chain seq x y z
N SER A 22 -25.71 26.32 -13.36
CA SER A 22 -26.71 26.22 -14.42
C SER A 22 -26.50 24.94 -15.25
N LYS A 23 -25.32 24.34 -15.11
CA LYS A 23 -25.04 23.03 -15.69
C LYS A 23 -25.14 21.98 -14.61
N THR A 24 -25.92 20.93 -14.87
CA THR A 24 -26.06 19.83 -13.91
C THR A 24 -24.72 19.14 -13.77
N LEU A 25 -24.35 18.73 -12.55
CA LEU A 25 -23.10 17.97 -12.38
C LEU A 25 -23.13 16.75 -13.28
N THR A 26 -22.11 16.60 -14.11
CA THR A 26 -22.08 15.52 -15.10
C THR A 26 -20.90 14.61 -14.82
N ILE A 27 -21.13 13.30 -14.72
CA ILE A 27 -20.07 12.31 -14.60
C ILE A 27 -20.06 11.39 -15.82
N TRP A 28 -18.86 11.17 -16.38
CA TRP A 28 -18.67 10.19 -17.43
C TRP A 28 -17.94 8.98 -16.87
N ILE A 29 -18.57 7.82 -17.01
CA ILE A 29 -18.01 6.56 -16.53
C ILE A 29 -17.68 5.73 -17.75
N GLY A 30 -16.43 5.31 -17.82
CA GLY A 30 -15.93 4.61 -18.98
C GLY A 30 -15.16 3.35 -18.67
N GLY A 31 -15.16 2.45 -19.65
CA GLY A 31 -14.43 1.22 -19.54
C GLY A 31 -15.35 0.08 -19.20
N GLN A 32 -14.78 -1.08 -18.93
CA GLN A 32 -15.59 -2.26 -18.70
C GLN A 32 -16.52 -2.13 -17.48
N VAL A 33 -16.16 -1.33 -16.48
CA VAL A 33 -16.95 -1.21 -15.27
C VAL A 33 -18.26 -0.45 -15.54
N ALA A 34 -18.33 0.23 -16.68
CA ALA A 34 -19.56 0.94 -17.04
C ALA A 34 -20.69 -0.03 -17.36
N GLU A 35 -20.39 -1.32 -17.51
CA GLU A 35 -21.45 -2.30 -17.72
C GLU A 35 -22.29 -2.55 -16.47
N LEU A 36 -21.77 -2.19 -15.30
CA LEU A 36 -22.44 -2.47 -14.04
C LEU A 36 -23.39 -1.31 -13.75
N ASP A 37 -24.33 -1.08 -14.67
CA ASP A 37 -25.06 0.19 -14.72
C ASP A 37 -26.10 0.30 -13.59
N GLU A 38 -26.59 -0.84 -13.12
CA GLU A 38 -27.54 -0.83 -12.02
C GLU A 38 -26.82 -0.48 -10.72
N THR A 39 -25.60 -0.98 -10.57
CA THR A 39 -24.78 -0.65 -9.40
C THR A 39 -24.44 0.83 -9.42
N TRP A 40 -24.06 1.34 -10.59
CA TRP A 40 -23.76 2.75 -10.71
C TRP A 40 -24.99 3.59 -10.37
N ASN A 41 -26.14 3.21 -10.87
CA ASN A 41 -27.34 4.02 -10.62
C ASN A 41 -27.64 4.09 -9.11
N SER A 42 -27.60 2.95 -8.43
CA SER A 42 -27.77 2.92 -6.97
C SER A 42 -26.77 3.82 -6.24
N VAL A 43 -25.50 3.68 -6.58
CA VAL A 43 -24.47 4.50 -5.97
C VAL A 43 -24.71 6.00 -6.18
N ILE A 44 -25.07 6.39 -7.40
CA ILE A 44 -25.25 7.79 -7.72
C ILE A 44 -26.52 8.33 -7.05
N LYS A 45 -27.57 7.52 -6.97
CA LYS A 45 -28.79 7.98 -6.34
C LYS A 45 -28.54 8.28 -4.87
N THR A 46 -27.73 7.45 -4.20
CA THR A 46 -27.40 7.68 -2.79
C THR A 46 -26.65 9.01 -2.65
N PHE A 47 -25.74 9.28 -3.59
CA PHE A 47 -25.04 10.56 -3.57
C PHE A 47 -26.03 11.71 -3.66
N GLU A 48 -26.97 11.62 -4.61
CA GLU A 48 -27.93 12.69 -4.80
C GLU A 48 -28.75 12.93 -3.54
N GLU A 49 -29.14 11.84 -2.87
CA GLU A 49 -29.93 11.95 -1.64
C GLU A 49 -29.12 12.67 -0.56
N LYS A 50 -27.85 12.28 -0.46
CA LYS A 50 -26.99 12.82 0.58
C LYS A 50 -26.58 14.27 0.37
N TYR A 51 -26.49 14.72 -0.88
CA TYR A 51 -25.91 16.03 -1.17
C TYR A 51 -26.85 17.03 -1.84
N GLY A 52 -28.00 16.55 -2.29
CA GLY A 52 -28.97 17.41 -2.91
C GLY A 52 -28.47 17.98 -4.22
N ILE A 53 -27.62 17.20 -4.88
CA ILE A 53 -27.02 17.58 -6.15
C ILE A 53 -27.49 16.60 -7.21
N SER A 54 -28.09 17.11 -8.28
CA SER A 54 -28.53 16.26 -9.38
C SER A 54 -27.34 15.85 -10.25
N VAL A 55 -27.29 14.58 -10.64
CA VAL A 55 -26.18 14.11 -11.48
C VAL A 55 -26.62 13.54 -12.80
N GLU A 56 -26.02 14.05 -13.86
CA GLU A 56 -26.21 13.51 -15.18
C GLU A 56 -25.10 12.50 -15.39
N VAL A 57 -25.48 11.26 -15.71
CA VAL A 57 -24.54 10.18 -15.90
C VAL A 57 -24.47 9.78 -17.38
N GLN A 58 -23.26 9.60 -17.91
CA GLN A 58 -23.13 8.98 -19.23
C GLN A 58 -22.11 7.83 -19.11
N LEU A 59 -22.49 6.68 -19.64
CA LEU A 59 -21.68 5.45 -19.60
C LEU A 59 -21.07 5.20 -20.98
N PHE A 60 -19.82 4.77 -20.98
CA PHE A 60 -19.08 4.57 -22.22
C PHE A 60 -18.38 3.22 -22.24
N GLY A 61 -18.52 2.48 -23.34
CA GLY A 61 -17.70 1.29 -23.55
C GLY A 61 -16.23 1.62 -23.70
N PHE A 62 -15.38 0.66 -23.37
CA PHE A 62 -13.96 0.92 -23.38
C PHE A 62 -13.39 1.28 -24.73
N ASP A 63 -13.81 0.58 -25.78
CA ASP A 63 -13.01 0.56 -27.00
C ASP A 63 -13.01 1.93 -27.71
N THR A 64 -14.01 2.76 -27.46
CA THR A 64 -14.05 4.09 -28.09
C THR A 64 -14.00 5.23 -27.08
N TYR A 65 -13.75 4.92 -25.80
CA TYR A 65 -13.89 5.96 -24.79
C TYR A 65 -12.77 7.01 -24.87
N TYR A 66 -11.53 6.61 -25.14
CA TYR A 66 -10.44 7.59 -25.20
C TYR A 66 -10.75 8.67 -26.23
N ASP A 67 -11.13 8.24 -27.42
CA ASP A 67 -11.40 9.19 -28.50
C ASP A 67 -12.55 10.13 -28.15
N LYS A 68 -13.59 9.62 -27.53
CA LYS A 68 -14.70 10.48 -27.10
C LYS A 68 -14.28 11.46 -26.02
N LEU A 69 -13.49 10.99 -25.06
CA LEU A 69 -13.07 11.86 -23.96
C LEU A 69 -12.12 12.96 -24.50
N VAL A 70 -11.18 12.59 -25.34
CA VAL A 70 -10.27 13.57 -25.93
C VAL A 70 -11.08 14.62 -26.72
N THR A 71 -12.05 14.14 -27.49
CA THR A 71 -12.89 15.05 -28.29
C THR A 71 -13.52 16.11 -27.40
N ALA A 72 -14.04 15.67 -26.26
CA ALA A 72 -14.69 16.58 -25.33
C ALA A 72 -13.70 17.55 -24.67
N LEU A 73 -12.55 17.02 -24.26
CA LEU A 73 -11.61 17.85 -23.54
C LEU A 73 -11.00 18.88 -24.47
N GLN A 74 -10.75 18.50 -25.72
CA GLN A 74 -10.28 19.46 -26.71
C GLN A 74 -11.26 20.60 -26.89
N ALA A 75 -12.55 20.27 -26.88
CA ALA A 75 -13.61 21.27 -27.13
C ALA A 75 -13.97 22.09 -25.89
N GLY A 76 -13.52 21.68 -24.71
CA GLY A 76 -13.87 22.38 -23.48
C GLY A 76 -15.25 22.07 -22.95
N LYS A 77 -15.83 20.96 -23.40
CA LYS A 77 -17.19 20.59 -23.06
C LYS A 77 -17.30 19.16 -22.45
N GLY A 78 -18.51 18.76 -22.08
CA GLY A 78 -18.76 17.40 -21.61
C GLY A 78 -18.84 17.24 -20.10
N PRO A 79 -17.88 16.50 -19.49
CA PRO A 79 -18.09 16.16 -18.08
C PRO A 79 -17.46 17.14 -17.06
N ASP A 80 -18.02 17.15 -15.85
CA ASP A 80 -17.41 17.78 -14.70
C ASP A 80 -16.49 16.82 -13.96
N LEU A 81 -16.80 15.52 -14.04
CA LEU A 81 -15.99 14.45 -13.45
C LEU A 81 -15.94 13.32 -14.46
N ALA A 82 -14.74 12.80 -14.76
CA ALA A 82 -14.57 11.80 -15.81
C ALA A 82 -13.65 10.69 -15.37
N PHE A 83 -14.01 9.47 -15.75
CA PHE A 83 -13.10 8.35 -15.68
C PHE A 83 -11.93 8.59 -16.65
N ALA A 84 -10.72 8.27 -16.20
CA ALA A 84 -9.54 8.32 -17.05
C ALA A 84 -8.65 7.13 -16.69
N ASP A 85 -8.18 6.44 -17.71
CA ASP A 85 -7.35 5.23 -17.54
C ASP A 85 -6.04 5.56 -16.81
N LEU A 86 -5.70 4.74 -15.81
CA LEU A 86 -4.42 4.87 -15.15
C LEU A 86 -3.24 4.63 -16.10
N GLY A 87 -3.53 4.03 -17.25
CA GLY A 87 -2.51 3.78 -18.26
C GLY A 87 -2.23 4.98 -19.14
N GLY A 88 -1.67 6.02 -18.53
CA GLY A 88 -1.10 7.14 -19.28
C GLY A 88 -2.02 8.29 -19.63
N TRP A 89 -3.33 8.14 -19.42
CA TRP A 89 -4.20 9.23 -19.86
C TRP A 89 -4.02 10.49 -19.02
N VAL A 90 -3.82 10.36 -17.71
CA VAL A 90 -3.80 11.54 -16.87
C VAL A 90 -2.58 12.43 -17.21
N PRO A 91 -1.38 11.85 -17.34
CA PRO A 91 -0.27 12.69 -17.82
C PRO A 91 -0.48 13.31 -19.19
N THR A 92 -1.09 12.56 -20.11
CA THR A 92 -1.37 13.09 -21.44
C THR A 92 -2.28 14.33 -21.34
N PHE A 93 -3.38 14.22 -20.60
CA PHE A 93 -4.33 15.33 -20.52
C PHE A 93 -3.78 16.50 -19.69
N ALA A 94 -3.04 16.18 -18.62
CA ALA A 94 -2.52 17.19 -17.70
C ALA A 94 -1.49 18.08 -18.41
N GLU A 95 -0.72 17.48 -19.30
CA GLU A 95 0.34 18.18 -20.02
C GLU A 95 -0.24 19.30 -20.89
N LYS A 96 -1.48 19.11 -21.33
CA LYS A 96 -2.15 20.06 -22.19
C LYS A 96 -2.91 21.15 -21.42
N GLY A 97 -2.96 21.03 -20.09
CA GLY A 97 -3.75 21.95 -19.29
C GLY A 97 -5.22 21.61 -19.22
N TRP A 98 -5.58 20.38 -19.60
CA TRP A 98 -6.99 20.00 -19.69
C TRP A 98 -7.60 19.60 -18.36
N LEU A 99 -6.76 19.35 -17.37
CA LEU A 99 -7.20 18.87 -16.06
C LEU A 99 -6.93 19.82 -14.88
N GLU A 100 -7.92 19.93 -14.01
CA GLU A 100 -7.78 20.67 -12.75
C GLU A 100 -6.85 19.91 -11.81
N PRO A 101 -5.87 20.61 -11.20
CA PRO A 101 -5.03 19.91 -10.22
C PRO A 101 -5.85 19.48 -9.00
N GLU A 103 -4.07 18.50 -6.00
CA GLU A 103 -3.16 18.52 -4.86
C GLU A 103 -3.80 19.05 -3.58
N GLU A 104 -4.44 20.20 -3.68
CA GLU A 104 -5.03 20.79 -2.50
C GLU A 104 -6.12 19.88 -1.92
N HIS A 105 -7.01 19.38 -2.77
CA HIS A 105 -8.02 18.47 -2.25
C HIS A 105 -7.43 17.20 -1.61
N LEU A 106 -6.40 16.63 -2.24
CA LEU A 106 -5.85 15.37 -1.75
C LEU A 106 -5.10 15.60 -0.44
N LYS A 107 -4.48 16.76 -0.32
CA LYS A 107 -3.82 17.11 0.92
C LYS A 107 -4.81 17.19 2.08
N ASN A 108 -6.05 17.58 1.80
CA ASN A 108 -7.04 17.75 2.86
C ASN A 108 -7.99 16.56 3.01
N TRP A 109 -7.80 15.53 2.19
CA TRP A 109 -8.74 14.40 2.19
C TRP A 109 -8.27 13.25 3.09
N GLU A 110 -9.17 12.78 3.98
CA GLU A 110 -8.90 11.65 4.88
C GLU A 110 -8.34 10.45 4.17
N GLY A 111 -8.87 10.22 2.97
CA GLY A 111 -8.63 9.00 2.23
C GLY A 111 -7.28 8.88 1.54
N THR A 112 -6.55 9.98 1.42
CA THR A 112 -5.39 10.02 0.54
C THR A 112 -4.34 8.96 0.93
N ALA A 113 -4.07 8.85 2.23
CA ALA A 113 -3.07 7.91 2.74
C ALA A 113 -3.48 6.45 2.60
N GLN A 114 -4.75 6.20 2.26
CA GLN A 114 -5.23 4.83 2.02
C GLN A 114 -5.07 4.38 0.56
N ILE A 115 -4.80 5.29 -0.38
CA ILE A 115 -4.65 4.87 -1.79
C ILE A 115 -3.35 4.11 -1.90
N TRP A 116 -3.37 2.94 -2.56
CA TRP A 116 -2.13 2.19 -2.79
C TRP A 116 -1.07 3.11 -3.41
N PRO A 117 0.12 3.17 -2.82
CA PRO A 117 1.05 4.22 -3.25
C PRO A 117 1.61 4.08 -4.64
N ASN A 118 1.64 2.88 -5.20
CA ASN A 118 2.13 2.70 -6.54
C ASN A 118 1.19 3.30 -7.54
N LEU A 119 0.00 3.71 -7.09
CA LEU A 119 -0.93 4.33 -8.02
C LEU A 119 -0.65 5.83 -8.22
N TRP A 120 0.00 6.51 -7.27
CA TRP A 120 0.13 7.95 -7.44
C TRP A 120 0.94 8.34 -8.66
N PRO A 121 2.04 7.61 -8.98
CA PRO A 121 2.77 8.02 -10.18
C PRO A 121 1.94 7.98 -11.47
N THR A 122 0.90 7.13 -11.52
CA THR A 122 0.10 6.98 -12.72
C THR A 122 -0.80 8.18 -13.02
N VAL A 123 -1.00 9.05 -12.02
CA VAL A 123 -1.89 10.21 -12.17
C VAL A 123 -1.14 11.52 -11.89
N THR A 124 0.19 11.46 -11.97
CA THR A 124 1.06 12.59 -11.65
C THR A 124 1.73 13.15 -12.90
N TYR A 125 1.72 14.48 -12.99
CA TYR A 125 2.43 15.20 -14.04
C TYR A 125 3.24 16.29 -13.35
N LYS A 126 4.56 16.28 -13.54
CA LYS A 126 5.46 17.27 -12.91
C LYS A 126 5.17 17.45 -11.41
N LYS A 127 5.07 16.31 -10.74
CA LYS A 127 4.90 16.19 -9.29
C LYS A 127 3.57 16.72 -8.79
N ILE A 128 2.62 16.89 -9.69
CA ILE A 128 1.29 17.31 -9.29
C ILE A 128 0.30 16.21 -9.63
N ARG A 129 -0.56 15.88 -8.67
CA ARG A 129 -1.59 14.86 -8.91
C ARG A 129 -2.80 15.49 -9.57
N TYR A 130 -3.23 14.88 -10.67
CA TYR A 130 -4.37 15.34 -11.48
C TYR A 130 -5.50 14.33 -11.57
N GLY A 131 -5.44 13.26 -10.79
CA GLY A 131 -6.52 12.32 -10.71
C GLY A 131 -6.59 11.58 -9.39
N LEU A 132 -7.77 11.05 -9.10
CA LEU A 132 -8.00 10.25 -7.89
C LEU A 132 -8.26 8.81 -8.32
N PRO A 133 -7.28 7.90 -8.12
CA PRO A 133 -7.53 6.50 -8.50
C PRO A 133 -8.77 5.96 -7.79
N TRP A 134 -9.70 5.41 -8.57
CA TRP A 134 -10.97 4.89 -8.02
C TRP A 134 -11.00 3.35 -7.97
N TYR A 135 -10.65 2.67 -9.07
CA TYR A 135 -10.37 1.23 -8.96
C TYR A 135 -9.07 0.91 -9.65
N THR A 136 -8.50 -0.21 -9.22
CA THR A 136 -7.26 -0.66 -9.81
C THR A 136 -7.32 -2.18 -10.06
N ASP A 137 -6.23 -2.70 -10.60
CA ASP A 137 -6.13 -4.08 -10.98
C ASP A 137 -4.69 -4.41 -11.34
N CYS A 138 -4.42 -5.69 -11.53
CA CYS A 138 -3.21 -6.08 -12.26
C CYS A 138 -3.63 -7.24 -13.14
N ARG A 139 -2.81 -7.53 -14.13
CA ARG A 139 -3.18 -8.52 -15.13
C ARG A 139 -2.55 -9.87 -14.87
N LEU A 140 -3.39 -10.87 -15.09
CA LEU A 140 -3.13 -12.26 -14.72
C LEU A 140 -3.69 -13.20 -15.77
N LEU A 141 -3.36 -14.48 -15.62
CA LEU A 141 -4.07 -15.52 -16.36
C LEU A 141 -5.44 -15.71 -15.71
N LEU A 142 -6.48 -15.51 -16.52
CA LEU A 142 -7.86 -15.88 -16.20
C LEU A 142 -8.18 -17.19 -16.88
N TYR A 143 -8.70 -18.17 -16.15
CA TYR A 143 -8.93 -19.46 -16.78
C TYR A 143 -10.14 -20.18 -16.22
N ASN A 144 -10.61 -21.14 -17.03
CA ASN A 144 -11.87 -21.84 -16.85
C ASN A 144 -11.57 -23.24 -16.34
N LYS A 145 -12.00 -23.53 -15.12
CA LYS A 145 -11.66 -24.80 -14.48
C LYS A 145 -12.32 -25.99 -15.16
N ALA A 146 -13.57 -25.82 -15.58
CA ALA A 146 -14.33 -26.92 -16.16
C ALA A 146 -13.72 -27.34 -17.48
N PHE A 148 -10.47 -27.03 -18.27
CA PHE A 148 -9.25 -27.78 -17.95
C PHE A 148 -9.61 -29.23 -17.66
N GLU A 149 -10.60 -29.39 -16.81
CA GLU A 149 -11.01 -30.74 -16.40
C GLU A 149 -11.46 -31.57 -17.60
N LYS A 150 -12.26 -30.97 -18.46
CA LYS A 150 -12.76 -31.68 -19.64
C LYS A 150 -11.60 -32.15 -20.53
N ALA A 151 -10.53 -31.36 -20.57
CA ALA A 151 -9.35 -31.69 -21.39
C ALA A 151 -8.35 -32.60 -20.67
N GLY A 152 -8.70 -33.05 -19.46
CA GLY A 152 -7.83 -33.95 -18.71
C GLY A 152 -6.71 -33.29 -17.92
N LEU A 153 -6.85 -31.99 -17.70
CA LEU A 153 -5.88 -31.19 -16.97
C LEU A 153 -6.36 -30.85 -15.58
N ASN A 154 -5.42 -30.72 -14.65
CA ASN A 154 -5.72 -30.27 -13.30
C ASN A 154 -5.94 -28.74 -13.18
N PRO A 155 -7.19 -28.31 -12.91
CA PRO A 155 -7.52 -26.87 -12.81
C PRO A 155 -6.72 -26.16 -11.74
N ASP A 156 -6.39 -26.88 -10.68
CA ASP A 156 -5.72 -26.29 -9.54
C ASP A 156 -4.22 -26.22 -9.74
N ASN A 157 -3.77 -26.65 -10.91
CA ASN A 157 -2.36 -26.52 -11.30
C ASN A 157 -2.21 -25.84 -12.67
N PRO A 158 -2.56 -24.56 -12.74
CA PRO A 158 -2.49 -23.87 -14.04
C PRO A 158 -1.04 -23.76 -14.50
N PRO A 159 -0.84 -23.54 -15.80
CA PRO A 159 0.53 -23.42 -16.33
C PRO A 159 1.31 -22.29 -15.66
N LYS A 160 2.59 -22.52 -15.45
CA LYS A 160 3.47 -21.55 -14.83
C LYS A 160 4.44 -20.94 -15.85
N THR A 161 4.76 -21.71 -16.88
CA THR A 161 5.74 -21.27 -17.87
C THR A 161 5.13 -21.18 -19.25
N TRP A 162 5.83 -20.52 -20.14
CA TRP A 162 5.39 -20.47 -21.53
C TRP A 162 5.26 -21.87 -22.13
N ASP A 163 6.19 -22.76 -21.80
CA ASP A 163 6.13 -24.11 -22.36
C ASP A 163 4.85 -24.81 -21.89
N GLU A 164 4.53 -24.64 -20.61
CA GLU A 164 3.33 -25.26 -20.05
C GLU A 164 2.08 -24.61 -20.63
N LEU A 165 2.13 -23.31 -20.88
CA LEU A 165 0.98 -22.59 -21.45
C LEU A 165 0.67 -23.16 -22.81
N LEU A 166 1.72 -23.32 -23.61
CA LEU A 166 1.53 -23.82 -24.97
C LEU A 166 0.95 -25.23 -24.95
N ASP A 167 1.51 -26.06 -24.09
CA ASP A 167 1.07 -27.45 -24.00
C ASP A 167 -0.41 -27.51 -23.61
N ALA A 168 -0.80 -26.74 -22.59
CA ALA A 168 -2.19 -26.75 -22.15
C ALA A 168 -3.12 -26.18 -23.22
N ALA A 169 -2.72 -25.07 -23.83
CA ALA A 169 -3.53 -24.46 -24.89
C ALA A 169 -3.74 -25.43 -26.07
N LEU A 170 -2.69 -26.13 -26.48
CA LEU A 170 -2.83 -27.10 -27.59
C LEU A 170 -3.74 -28.26 -27.21
N LYS A 171 -3.64 -28.72 -25.97
CA LYS A 171 -4.41 -29.86 -25.49
C LYS A 171 -5.91 -29.54 -25.40
N ILE A 172 -6.24 -28.30 -25.05
CA ILE A 172 -7.62 -27.88 -24.91
C ILE A 172 -8.30 -27.54 -26.24
N THR A 173 -7.53 -26.92 -27.13
CA THR A 173 -8.10 -26.40 -28.37
C THR A 173 -8.75 -27.49 -29.21
N ASP A 174 -9.93 -27.19 -29.74
CA ASP A 174 -10.62 -28.06 -30.68
C ASP A 174 -11.40 -27.14 -31.60
N THR A 175 -10.69 -26.58 -32.58
CA THR A 175 -11.22 -25.47 -33.36
C THR A 175 -12.42 -25.93 -34.17
N LYS A 176 -12.46 -27.22 -34.51
CA LYS A 176 -13.62 -27.77 -35.23
C LYS A 176 -14.92 -27.59 -34.46
N ASN A 177 -14.84 -27.52 -33.12
CA ASN A 177 -16.03 -27.28 -32.29
C ASN A 177 -16.01 -25.90 -31.65
N ARG A 178 -15.15 -25.02 -32.18
CA ARG A 178 -15.10 -23.62 -31.78
C ARG A 178 -14.69 -23.51 -30.31
N ILE A 179 -13.80 -24.42 -29.92
CA ILE A 179 -13.22 -24.45 -28.57
C ILE A 179 -11.76 -24.04 -28.64
N TYR A 180 -11.35 -23.09 -27.81
CA TYR A 180 -10.02 -22.50 -27.90
C TYR A 180 -9.31 -22.49 -26.56
N GLY A 181 -8.02 -22.80 -26.59
CA GLY A 181 -7.23 -22.84 -25.38
C GLY A 181 -6.78 -21.49 -24.81
N TYR A 182 -6.48 -20.52 -25.67
CA TYR A 182 -5.86 -19.25 -25.19
C TYR A 182 -6.15 -18.10 -26.15
N GLY A 183 -6.84 -17.10 -25.64
CA GLY A 183 -7.26 -15.96 -26.45
C GLY A 183 -6.17 -14.89 -26.51
N VAL A 184 -5.76 -14.56 -27.74
CA VAL A 184 -4.75 -13.54 -28.03
C VAL A 184 -5.42 -12.25 -28.51
N SER A 185 -5.18 -11.11 -27.84
CA SER A 185 -5.77 -9.85 -28.29
C SER A 185 -4.94 -9.28 -29.43
N GLY A 186 -5.59 -9.07 -30.57
CA GLY A 186 -4.93 -8.48 -31.72
C GLY A 186 -5.72 -7.38 -32.41
N THR A 187 -6.66 -6.79 -31.69
CA THR A 187 -7.46 -5.66 -32.15
C THR A 187 -6.68 -4.34 -32.05
N LYS A 188 -7.18 -3.30 -32.71
CA LYS A 188 -6.60 -1.96 -32.54
C LYS A 188 -7.16 -1.29 -31.28
N THR A 189 -6.86 -1.92 -30.15
CA THR A 189 -7.30 -1.48 -28.84
C THR A 189 -6.15 -1.70 -27.85
N GLU A 190 -6.25 -1.06 -26.69
CA GLU A 190 -5.22 -1.11 -25.67
C GLU A 190 -4.95 -2.55 -25.23
N HIS A 191 -5.95 -3.44 -25.31
CA HIS A 191 -5.77 -4.83 -24.87
C HIS A 191 -4.56 -5.45 -25.59
N THR A 192 -4.39 -5.11 -26.86
CA THR A 192 -3.32 -5.69 -27.66
C THR A 192 -1.93 -5.23 -27.20
N THR A 193 -1.82 -3.95 -26.85
CA THR A 193 -0.60 -3.46 -26.24
C THR A 193 -0.34 -4.13 -24.92
N LEU A 194 -1.37 -4.25 -24.10
CA LEU A 194 -1.20 -4.88 -22.81
C LEU A 194 -0.79 -6.33 -22.95
N GLY A 195 -1.37 -7.03 -23.93
CA GLY A 195 -0.99 -8.42 -24.20
C GLY A 195 0.48 -8.51 -24.58
N TYR A 196 0.90 -7.68 -25.52
CA TYR A 196 2.29 -7.70 -25.90
C TYR A 196 3.21 -7.37 -24.70
N PHE A 199 3.81 -10.31 -22.42
CA PHE A 199 4.79 -11.24 -22.95
C PHE A 199 6.22 -10.65 -22.99
N LEU A 200 6.33 -9.36 -23.32
CA LEU A 200 7.62 -8.66 -23.34
C LEU A 200 8.31 -8.71 -21.99
N TYR A 201 7.57 -8.35 -20.94
CA TYR A 201 8.13 -8.36 -19.60
C TYR A 201 8.35 -9.80 -19.12
N ALA A 202 7.49 -10.73 -19.55
CA ALA A 202 7.71 -12.14 -19.20
C ALA A 202 8.98 -12.69 -19.85
N ALA A 203 9.40 -12.11 -20.97
CA ALA A 203 10.64 -12.48 -21.65
C ALA A 203 11.86 -11.71 -21.10
N GLY A 204 11.65 -10.86 -20.10
CA GLY A 204 12.71 -10.05 -19.51
C GLY A 204 13.05 -8.77 -20.24
N GLY A 205 12.18 -8.37 -21.18
CA GLY A 205 12.32 -7.10 -21.88
C GLY A 205 11.62 -5.95 -21.17
N LYS A 206 11.60 -4.80 -21.83
CA LYS A 206 11.00 -3.59 -21.28
C LYS A 206 10.47 -2.78 -22.45
N LEU A 207 9.47 -1.93 -22.20
CA LEU A 207 8.86 -1.15 -23.27
C LEU A 207 9.75 0.03 -23.69
N LEU A 208 10.00 0.93 -22.75
CA LEU A 208 10.95 2.02 -22.93
C LEU A 208 12.13 1.88 -21.99
N THR A 209 13.19 2.64 -22.29
CA THR A 209 14.29 2.75 -21.36
C THR A 209 13.79 3.39 -20.05
N ASP A 210 14.55 3.21 -18.98
CA ASP A 210 14.12 3.64 -17.67
C ASP A 210 13.84 5.13 -17.58
N ASP A 211 14.53 5.94 -18.38
CA ASP A 211 14.32 7.38 -18.37
C ASP A 211 13.29 7.82 -19.44
N TYR A 212 12.60 6.85 -20.04
CA TYR A 212 11.54 7.10 -21.05
C TYR A 212 11.99 7.77 -22.34
N SER A 213 13.29 7.85 -22.58
CA SER A 213 13.76 8.61 -23.72
C SER A 213 13.72 7.85 -25.04
N LYS A 214 13.63 6.53 -24.96
CA LYS A 214 13.94 5.66 -26.07
C LYS A 214 13.12 4.36 -25.96
N ALA A 215 12.74 3.79 -27.09
CA ALA A 215 12.18 2.44 -27.12
C ALA A 215 13.21 1.42 -26.68
N ALA A 216 12.75 0.42 -25.96
CA ALA A 216 13.62 -0.64 -25.47
C ALA A 216 13.16 -2.02 -25.96
N PHE A 217 11.97 -2.10 -26.55
CA PHE A 217 11.41 -3.42 -26.90
C PHE A 217 11.97 -4.02 -28.18
N ASP A 218 12.71 -3.26 -28.99
CA ASP A 218 13.35 -3.84 -30.20
C ASP A 218 14.66 -4.51 -29.78
N SER A 219 14.49 -5.64 -29.11
CA SER A 219 15.53 -6.39 -28.45
C SER A 219 15.30 -7.87 -28.76
N PRO A 220 16.29 -8.73 -28.46
CA PRO A 220 16.02 -10.15 -28.66
C PRO A 220 14.83 -10.65 -27.83
N GLU A 221 14.71 -10.15 -26.60
CA GLU A 221 13.58 -10.46 -25.72
C GLU A 221 12.26 -10.00 -26.35
N GLY A 222 12.23 -8.79 -26.87
CA GLY A 222 11.02 -8.22 -27.45
C GLY A 222 10.59 -8.97 -28.70
N LEU A 223 11.57 -9.46 -29.45
CA LEU A 223 11.27 -10.26 -30.64
C LEU A 223 10.69 -11.61 -30.25
N LYS A 224 11.32 -12.26 -29.26
CA LYS A 224 10.85 -13.53 -28.76
C LYS A 224 9.38 -13.41 -28.29
N ALA A 225 9.10 -12.35 -27.53
CA ALA A 225 7.73 -12.08 -27.05
C ALA A 225 6.77 -11.87 -28.21
N LEU A 226 7.17 -11.07 -29.20
CA LEU A 226 6.32 -10.82 -30.35
C LEU A 226 6.01 -12.11 -31.12
N LYS A 227 7.02 -12.93 -31.35
CA LYS A 227 6.85 -14.18 -32.07
C LYS A 227 5.94 -15.16 -31.31
N PHE A 228 6.10 -15.28 -29.99
CA PHE A 228 5.29 -16.25 -29.26
C PHE A 228 3.85 -15.78 -29.15
N TYR A 229 3.65 -14.49 -28.84
CA TYR A 229 2.31 -13.94 -28.72
C TYR A 229 1.54 -14.13 -30.01
N THR A 230 2.15 -13.77 -31.12
CA THR A 230 1.45 -13.92 -32.40
C THR A 230 1.42 -15.39 -32.90
N ASP A 231 2.45 -16.18 -32.61
CA ASP A 231 2.44 -17.60 -32.97
C ASP A 231 1.27 -18.36 -32.34
N LEU A 232 0.89 -18.00 -31.11
CA LEU A 232 -0.23 -18.64 -30.46
C LEU A 232 -1.48 -18.51 -31.32
N ALA A 233 -1.62 -17.37 -31.97
CA ALA A 233 -2.73 -17.16 -32.87
C ALA A 233 -2.48 -17.71 -34.30
N LYS A 234 -1.29 -17.56 -34.87
CA LYS A 234 -1.04 -17.85 -36.29
C LYS A 234 -0.56 -19.27 -36.64
N LYS A 235 0.34 -19.80 -35.82
CA LYS A 235 0.94 -21.11 -36.06
C LYS A 235 0.24 -22.18 -35.25
N TYR A 236 0.18 -21.95 -33.96
CA TYR A 236 -0.35 -22.93 -33.02
C TYR A 236 -1.87 -22.95 -33.08
N ASN A 237 -2.47 -21.85 -33.53
CA ASN A 237 -3.91 -21.76 -33.72
C ASN A 237 -4.69 -22.18 -32.47
N VAL A 238 -4.41 -21.55 -31.33
CA VAL A 238 -5.14 -21.85 -30.09
C VAL A 238 -6.11 -20.74 -29.66
N SER A 239 -6.22 -19.73 -30.50
CA SER A 239 -7.03 -18.54 -30.25
C SER A 239 -8.13 -18.36 -31.29
N PRO A 240 -9.26 -17.79 -30.87
CA PRO A 240 -10.16 -17.23 -31.88
C PRO A 240 -9.42 -16.14 -32.66
N ASN A 241 -10.01 -15.70 -33.77
CA ASN A 241 -9.37 -14.74 -34.65
C ASN A 241 -8.89 -13.49 -33.92
N ALA A 242 -7.58 -13.40 -33.72
CA ALA A 242 -7.01 -12.38 -32.85
C ALA A 242 -7.20 -10.97 -33.42
N ILE A 243 -7.29 -10.86 -34.74
CA ILE A 243 -7.50 -9.55 -35.35
C ILE A 243 -8.86 -8.97 -34.95
N GLN A 244 -9.84 -9.84 -34.68
CA GLN A 244 -11.20 -9.43 -34.36
C GLN A 244 -11.55 -9.32 -32.89
N TYR A 245 -10.80 -10.03 -32.05
CA TYR A 245 -11.19 -10.23 -30.65
C TYR A 245 -10.12 -9.86 -29.66
N HIS A 246 -10.55 -9.50 -28.46
CA HIS A 246 -9.64 -9.17 -27.37
C HIS A 246 -10.17 -9.73 -26.04
N GLU A 247 -9.41 -9.45 -24.98
CA GLU A 247 -9.73 -9.88 -23.62
C GLU A 247 -11.20 -9.91 -23.24
N ASP A 248 -11.95 -8.85 -23.57
CA ASP A 248 -13.31 -8.76 -23.08
C ASP A 248 -14.21 -9.74 -23.82
N ASP A 249 -13.99 -9.86 -25.14
CA ASP A 249 -14.64 -10.90 -25.94
C ASP A 249 -14.31 -12.29 -25.40
N TYR A 250 -13.05 -12.51 -25.08
CA TYR A 250 -12.61 -13.82 -24.59
C TYR A 250 -13.24 -14.14 -23.24
N ARG A 251 -13.44 -13.14 -22.37
CA ARG A 251 -14.09 -13.36 -21.08
C ARG A 251 -15.53 -13.81 -21.31
N ASN A 252 -16.21 -13.17 -22.26
CA ASN A 252 -17.58 -13.56 -22.54
C ASN A 252 -17.65 -14.95 -23.16
N ALA A 255 -17.24 -17.53 -20.46
CA ALA A 255 -18.49 -17.75 -19.73
C ALA A 255 -19.37 -18.76 -20.47
N GLN A 256 -19.13 -18.93 -21.76
CA GLN A 256 -19.82 -19.95 -22.54
C GLN A 256 -19.03 -21.24 -22.65
N ASN A 257 -17.95 -21.37 -21.88
CA ASN A 257 -17.04 -22.52 -21.95
C ASN A 257 -16.48 -22.77 -23.35
N ARG A 258 -16.10 -21.69 -24.04
CA ARG A 258 -15.49 -21.80 -25.36
C ARG A 258 -14.05 -21.32 -25.41
N VAL A 259 -13.62 -20.53 -24.42
CA VAL A 259 -12.22 -20.08 -24.35
C VAL A 259 -11.70 -20.33 -22.97
N ALA A 260 -10.65 -21.13 -22.85
CA ALA A 260 -10.23 -21.64 -21.55
C ALA A 260 -9.30 -20.72 -20.80
N ALA A 262 -7.37 -16.60 -20.87
CA ALA A 262 -7.19 -15.28 -21.42
C ALA A 262 -6.42 -14.44 -20.44
N ILE A 263 -6.07 -13.23 -20.83
CA ILE A 263 -5.56 -12.26 -19.89
C ILE A 263 -6.74 -11.53 -19.26
N GLY A 264 -6.73 -11.43 -17.92
CA GLY A 264 -7.79 -10.73 -17.20
C GLY A 264 -7.32 -10.37 -15.81
N GLY A 265 -8.27 -10.15 -14.92
CA GLY A 265 -7.95 -9.67 -13.58
C GLY A 265 -9.22 -9.38 -12.80
N PRO A 266 -9.10 -8.61 -11.70
CA PRO A 266 -10.26 -8.49 -10.80
C PRO A 266 -11.48 -7.80 -11.38
N TRP A 267 -11.34 -6.95 -12.40
CA TRP A 267 -12.53 -6.39 -13.06
C TRP A 267 -13.35 -7.47 -13.78
N SER A 268 -12.69 -8.57 -14.14
CA SER A 268 -13.33 -9.65 -14.85
C SER A 268 -14.37 -10.37 -14.03
N PHE A 269 -14.22 -10.31 -12.70
CA PHE A 269 -15.01 -11.19 -11.86
C PHE A 269 -16.51 -10.88 -11.88
N PRO A 270 -16.93 -9.63 -11.59
CA PRO A 270 -18.38 -9.38 -11.69
C PRO A 270 -18.91 -9.54 -13.10
N LEU A 271 -18.07 -9.25 -14.09
CA LEU A 271 -18.53 -9.28 -15.47
C LEU A 271 -18.74 -10.71 -15.95
N ILE A 272 -17.85 -11.62 -15.61
CA ILE A 272 -18.00 -12.99 -16.10
C ILE A 272 -19.18 -13.63 -15.40
N GLU A 273 -19.39 -13.28 -14.12
CA GLU A 273 -20.48 -13.87 -13.34
C GLU A 273 -21.82 -13.31 -13.78
N ALA A 274 -21.83 -12.07 -14.23
CA ALA A 274 -23.04 -11.51 -14.84
C ALA A 274 -23.41 -12.22 -16.15
N ALA A 275 -22.39 -12.55 -16.95
CA ALA A 275 -22.60 -13.23 -18.25
C ALA A 275 -23.14 -14.66 -18.06
N ASN A 276 -22.67 -15.33 -17.01
CA ASN A 276 -23.13 -16.67 -16.68
C ASN A 276 -23.02 -16.94 -15.18
N PRO A 277 -24.11 -16.74 -14.45
CA PRO A 277 -24.01 -16.93 -12.99
C PRO A 277 -23.53 -18.32 -12.58
N ASP A 278 -23.75 -19.34 -13.42
CA ASP A 278 -23.36 -20.71 -13.09
C ASP A 278 -21.84 -20.89 -13.11
N ILE A 279 -21.10 -19.89 -13.59
CA ILE A 279 -19.64 -20.02 -13.63
C ILE A 279 -18.97 -19.64 -12.31
N ALA A 280 -19.73 -19.07 -11.37
CA ALA A 280 -19.15 -18.76 -10.08
C ALA A 280 -18.51 -20.02 -9.51
N GLY A 281 -17.26 -19.88 -9.06
CA GLY A 281 -16.52 -21.00 -8.51
C GLY A 281 -15.88 -21.91 -9.54
N LYS A 282 -16.10 -21.64 -10.82
CA LYS A 282 -15.62 -22.52 -11.87
C LYS A 282 -14.57 -21.84 -12.75
N TYR A 283 -14.01 -20.75 -12.25
CA TYR A 283 -12.95 -20.03 -12.95
C TYR A 283 -11.99 -19.51 -11.90
N SER A 284 -10.75 -19.23 -12.28
CA SER A 284 -9.81 -18.62 -11.36
C SER A 284 -8.78 -17.76 -12.06
N VAL A 285 -7.80 -17.30 -11.29
CA VAL A 285 -6.70 -16.53 -11.82
C VAL A 285 -5.39 -17.10 -11.30
N ALA A 286 -4.31 -16.81 -12.00
CA ALA A 286 -2.98 -17.20 -11.59
C ALA A 286 -2.01 -16.24 -12.19
N LEU A 287 -0.81 -16.16 -11.62
CA LEU A 287 0.27 -15.43 -12.26
C LEU A 287 0.37 -15.88 -13.73
N HIS A 288 0.44 -14.94 -14.66
CA HIS A 288 0.46 -15.34 -16.05
C HIS A 288 1.74 -16.16 -16.29
N PRO A 289 1.62 -17.25 -17.05
CA PRO A 289 2.83 -17.99 -17.45
C PRO A 289 3.91 -17.08 -18.02
N TYR A 290 5.16 -17.38 -17.70
CA TYR A 290 6.27 -16.51 -18.11
C TYR A 290 7.45 -17.34 -18.61
N ASP A 291 8.43 -16.63 -19.15
CA ASP A 291 9.63 -17.19 -19.76
C ASP A 291 10.82 -16.93 -18.81
N ALA A 292 11.38 -15.73 -18.86
CA ALA A 292 12.53 -15.37 -18.04
C ALA A 292 12.20 -14.85 -16.64
N LYS A 293 11.10 -14.09 -16.54
CA LYS A 293 10.76 -13.34 -15.34
C LYS A 293 9.25 -13.30 -15.18
N PRO A 294 8.75 -13.46 -13.94
CA PRO A 294 7.33 -13.17 -13.68
C PRO A 294 6.97 -11.76 -14.08
N ALA A 295 5.77 -11.61 -14.64
CA ALA A 295 5.30 -10.28 -15.06
C ALA A 295 3.82 -10.09 -14.83
N SER A 296 3.48 -8.84 -14.51
CA SER A 296 2.12 -8.38 -14.49
C SER A 296 2.18 -6.91 -14.86
N VAL A 297 1.09 -6.41 -15.43
CA VAL A 297 0.95 -5.00 -15.76
C VAL A 297 -0.19 -4.39 -14.91
N LEU A 298 0.07 -3.17 -14.41
CA LEU A 298 -0.82 -2.40 -13.57
C LEU A 298 -1.89 -1.70 -14.40
N GLY A 299 -3.11 -1.66 -13.89
CA GLY A 299 -4.18 -0.92 -14.53
C GLY A 299 -5.20 -0.36 -13.56
N GLY A 300 -6.24 0.25 -14.15
CA GLY A 300 -7.32 0.83 -13.38
C GLY A 300 -7.80 2.15 -13.96
N TRP A 301 -8.61 2.87 -13.19
CA TRP A 301 -9.21 4.14 -13.60
C TRP A 301 -9.16 5.16 -12.48
N ALA A 302 -8.90 6.41 -12.85
CA ALA A 302 -8.95 7.56 -11.95
C ALA A 302 -10.13 8.44 -12.30
N LEU A 303 -10.54 9.24 -11.32
CA LEU A 303 -11.51 10.30 -11.49
C LEU A 303 -10.75 11.62 -11.70
N VAL A 304 -11.08 12.32 -12.77
CA VAL A 304 -10.42 13.60 -13.09
C VAL A 304 -11.48 14.68 -13.29
N ILE A 305 -11.07 15.92 -13.07
CA ILE A 305 -11.94 17.10 -13.20
C ILE A 305 -11.38 18.00 -14.28
N PRO A 306 -12.11 18.20 -15.38
CA PRO A 306 -11.57 19.05 -16.44
C PRO A 306 -11.39 20.48 -15.96
N SER A 307 -10.31 21.12 -16.40
CA SER A 307 -10.02 22.48 -16.04
C SER A 307 -11.09 23.44 -16.59
N SER A 308 -11.84 23.01 -17.61
CA SER A 308 -12.90 23.83 -18.18
C SER A 308 -14.25 23.69 -17.48
N SER A 309 -14.33 22.83 -16.48
CA SER A 309 -15.59 22.61 -15.80
C SER A 309 -16.02 23.82 -14.96
N PRO A 310 -17.31 24.20 -15.06
CA PRO A 310 -17.86 25.23 -14.18
C PRO A 310 -18.30 24.70 -12.80
N ASN A 311 -18.13 23.41 -12.56
CA ASN A 311 -18.66 22.74 -11.36
C ASN A 311 -17.57 22.01 -10.59
N LYS A 312 -16.42 22.65 -10.42
CA LYS A 312 -15.26 21.93 -9.93
C LYS A 312 -15.36 21.50 -8.48
N GLU A 313 -15.99 22.31 -7.64
CA GLU A 313 -16.07 21.95 -6.23
C GLU A 313 -17.08 20.80 -6.04
N ASP A 314 -18.23 20.84 -6.70
CA ASP A 314 -19.19 19.74 -6.59
C ASP A 314 -18.63 18.47 -7.22
N ALA A 315 -17.79 18.61 -8.25
CA ALA A 315 -17.17 17.45 -8.87
C ALA A 315 -16.24 16.77 -7.87
N TRP A 316 -15.47 17.55 -7.13
CA TRP A 316 -14.63 16.97 -6.09
C TRP A 316 -15.50 16.25 -5.04
N LYS A 317 -16.61 16.87 -4.60
CA LYS A 317 -17.49 16.23 -3.62
C LYS A 317 -17.97 14.86 -4.09
N LEU A 318 -18.34 14.76 -5.37
CA LEU A 318 -18.71 13.45 -5.92
C LEU A 318 -17.52 12.46 -5.92
N ALA A 319 -16.33 12.92 -6.32
CA ALA A 319 -15.14 12.06 -6.32
C ALA A 319 -14.84 11.54 -4.90
N GLU A 320 -14.93 12.43 -3.94
CA GLU A 320 -14.72 12.11 -2.53
C GLU A 320 -15.70 11.05 -2.06
N TYR A 321 -16.97 11.23 -2.41
CA TYR A 321 -17.99 10.27 -2.04
C TYR A 321 -17.74 8.91 -2.70
N LEU A 322 -17.49 8.93 -4.00
CA LEU A 322 -17.29 7.69 -4.74
C LEU A 322 -16.09 6.88 -4.25
N THR A 323 -15.09 7.55 -3.69
CA THR A 323 -13.87 6.89 -3.25
C THR A 323 -13.84 6.81 -1.72
N SER A 324 -15.01 6.88 -1.08
CA SER A 324 -15.12 6.73 0.37
C SER A 324 -15.14 5.27 0.79
N PHE A 325 -14.81 5.04 2.04
CA PHE A 325 -14.80 3.71 2.62
C PHE A 325 -16.17 3.04 2.46
N ASP A 326 -17.24 3.71 2.88
CA ASP A 326 -18.55 3.05 2.89
C ASP A 326 -18.97 2.63 1.48
N VAL A 327 -18.73 3.51 0.50
CA VAL A 327 -19.14 3.22 -0.88
C VAL A 327 -18.36 2.04 -1.41
N TRP A 328 -17.04 2.02 -1.18
CA TRP A 328 -16.25 0.93 -1.74
C TRP A 328 -16.49 -0.38 -0.99
N LYS A 330 -19.37 -1.33 0.22
CA LYS A 330 -20.61 -1.81 -0.35
C LYS A 330 -20.41 -2.36 -1.75
N TRP A 331 -19.64 -1.67 -2.55
CA TRP A 331 -19.33 -2.13 -3.90
C TRP A 331 -18.70 -3.51 -3.90
N VAL A 332 -17.65 -3.71 -3.10
CA VAL A 332 -16.99 -5.02 -3.01
C VAL A 332 -17.93 -6.11 -2.49
N GLU A 333 -18.72 -5.77 -1.48
CA GLU A 333 -19.67 -6.71 -0.89
C GLU A 333 -20.59 -7.24 -1.98
N GLU A 334 -21.09 -6.33 -2.79
CA GLU A 334 -22.08 -6.69 -3.78
C GLU A 334 -21.50 -7.33 -5.03
N LYS A 335 -20.38 -6.79 -5.50
CA LYS A 335 -19.89 -7.14 -6.84
C LYS A 335 -18.60 -7.96 -6.87
N GLY A 336 -17.80 -7.93 -5.81
CA GLY A 336 -16.58 -8.73 -5.78
C GLY A 336 -15.47 -8.29 -6.72
N GLY A 337 -15.55 -7.07 -7.24
CA GLY A 337 -14.49 -6.51 -8.05
C GLY A 337 -15.02 -5.21 -8.65
N PRO A 338 -14.13 -4.41 -9.27
CA PRO A 338 -12.68 -4.64 -9.34
C PRO A 338 -11.99 -4.35 -8.01
N PRO A 340 -10.40 -2.34 -5.04
CA PRO A 340 -10.45 -0.97 -4.51
C PRO A 340 -9.06 -0.35 -4.55
N THR A 341 -8.98 0.94 -4.85
CA THR A 341 -7.74 1.69 -4.68
C THR A 341 -7.46 1.98 -3.20
N ARG A 342 -8.45 1.82 -2.32
CA ARG A 342 -8.26 1.99 -0.87
C ARG A 342 -7.77 0.72 -0.19
N ASP A 344 -7.61 0.17 3.12
CA ASP A 344 -8.47 -0.26 4.23
C ASP A 344 -9.65 -1.11 3.72
N VAL A 345 -10.26 -0.79 2.58
CA VAL A 345 -11.31 -1.64 2.05
C VAL A 345 -10.79 -3.01 1.61
N CYS A 346 -9.63 -3.02 0.95
CA CYS A 346 -9.04 -4.29 0.53
C CYS A 346 -8.79 -5.19 1.73
N LYS A 347 -8.38 -4.60 2.85
CA LYS A 347 -7.92 -5.35 4.01
C LYS A 347 -9.09 -5.75 4.90
N LYS A 348 -10.12 -4.90 4.93
CA LYS A 348 -11.23 -5.07 5.88
C LYS A 348 -12.39 -5.80 5.24
N SER A 349 -12.47 -5.80 3.91
CA SER A 349 -13.50 -6.54 3.21
C SER A 349 -13.19 -8.02 3.25
N LYS A 350 -14.09 -8.84 2.71
CA LYS A 350 -13.85 -10.27 2.77
C LYS A 350 -13.10 -10.74 1.51
N LEU A 351 -12.55 -9.82 0.71
CA LEU A 351 -11.79 -10.22 -0.47
C LEU A 351 -10.71 -11.26 -0.17
N ALA A 352 -9.91 -11.04 0.85
CA ALA A 352 -8.85 -11.98 1.23
C ALA A 352 -9.30 -13.42 1.53
N ASN A 353 -10.57 -13.65 1.85
CA ASN A 353 -11.05 -15.02 2.07
C ASN A 353 -11.09 -15.83 0.79
N ASP A 354 -11.05 -15.15 -0.35
CA ASP A 354 -11.13 -15.77 -1.66
C ASP A 354 -9.73 -16.03 -2.18
N VAL A 355 -9.43 -17.25 -2.63
CA VAL A 355 -8.07 -17.53 -3.10
C VAL A 355 -7.71 -16.69 -4.31
N LYS A 356 -8.71 -16.37 -5.15
CA LYS A 356 -8.45 -15.52 -6.31
C LYS A 356 -7.76 -14.25 -5.87
N TRP A 357 -8.17 -13.73 -4.74
CA TRP A 357 -7.67 -12.44 -4.33
C TRP A 357 -6.29 -12.52 -3.66
N GLN A 358 -5.95 -13.67 -3.10
CA GLN A 358 -4.62 -13.83 -2.52
C GLN A 358 -3.58 -13.61 -3.59
N ILE A 359 -3.82 -14.18 -4.77
N ILE A 359 -3.84 -14.19 -4.75
CA ILE A 359 -2.87 -14.08 -5.85
CA ILE A 359 -2.95 -14.12 -5.87
C ILE A 359 -2.79 -12.65 -6.37
C ILE A 359 -2.81 -12.69 -6.38
N ILE A 360 -3.92 -11.96 -6.38
CA ILE A 360 -3.95 -10.59 -6.85
C ILE A 360 -3.13 -9.70 -5.93
N PHE A 361 -3.37 -9.82 -4.63
CA PHE A 361 -2.68 -8.98 -3.66
C PHE A 361 -1.17 -9.24 -3.63
N GLU A 362 -0.76 -10.50 -3.85
CA GLU A 362 0.64 -10.85 -3.90
C GLU A 362 1.34 -10.35 -5.14
N THR A 363 0.61 -10.30 -6.26
CA THR A 363 1.20 -9.94 -7.54
C THR A 363 1.23 -8.41 -7.77
N PHE A 364 0.17 -7.75 -7.31
CA PHE A 364 -0.05 -6.32 -7.56
C PHE A 364 1.19 -5.43 -7.34
N PRO A 365 1.90 -5.60 -6.20
CA PRO A 365 3.01 -4.67 -5.92
C PRO A 365 4.14 -4.77 -6.96
N HIS A 366 4.23 -5.90 -7.64
CA HIS A 366 5.25 -6.07 -8.68
C HIS A 366 4.80 -5.69 -10.08
N ALA A 367 3.54 -5.32 -10.23
CA ALA A 367 3.00 -5.06 -11.56
C ALA A 367 3.68 -3.84 -12.16
N VAL A 368 4.15 -3.97 -13.39
CA VAL A 368 4.83 -2.86 -14.06
C VAL A 368 3.83 -1.89 -14.63
N ALA A 369 4.24 -0.63 -14.67
CA ALA A 369 3.38 0.42 -15.18
C ALA A 369 3.74 0.79 -16.62
N ARG A 370 2.71 1.02 -17.42
CA ARG A 370 2.86 1.80 -18.65
C ARG A 370 3.51 3.13 -18.28
N PRO A 371 4.36 3.65 -19.15
CA PRO A 371 5.09 4.86 -18.78
C PRO A 371 4.18 6.09 -18.60
N PRO A 372 4.31 6.80 -17.46
CA PRO A 372 3.40 7.92 -17.14
C PRO A 372 3.83 9.20 -17.86
N ILE A 373 3.73 9.15 -19.19
CA ILE A 373 4.20 10.23 -20.05
C ILE A 373 3.15 10.56 -21.08
N PRO A 374 3.17 11.81 -21.55
CA PRO A 374 2.11 12.27 -22.45
C PRO A 374 2.15 11.58 -23.81
N GLN A 375 3.28 10.95 -24.13
CA GLN A 375 3.42 10.26 -25.39
C GLN A 375 2.80 8.85 -25.40
N TYR A 376 2.36 8.36 -24.24
CA TYR A 376 2.05 6.94 -24.14
C TYR A 376 0.94 6.51 -25.15
N PRO A 377 -0.17 7.27 -25.25
CA PRO A 377 -1.19 6.75 -26.17
C PRO A 377 -0.72 6.56 -27.61
N GLN A 378 0.11 7.48 -28.11
CA GLN A 378 0.71 7.31 -29.44
C GLN A 378 1.62 6.09 -29.52
N ILE A 379 2.37 5.82 -28.44
CA ILE A 379 3.25 4.65 -28.36
C ILE A 379 2.40 3.35 -28.42
N SER A 380 1.32 3.31 -27.67
CA SER A 380 0.43 2.15 -27.64
C SER A 380 -0.11 1.88 -29.06
N GLU A 381 -0.48 2.94 -29.76
CA GLU A 381 -0.91 2.80 -31.15
C GLU A 381 0.14 2.06 -32.01
N GLN A 382 1.42 2.34 -31.79
CA GLN A 382 2.48 1.66 -32.53
C GLN A 382 2.58 0.17 -32.21
N ILE A 383 2.35 -0.17 -30.94
CA ILE A 383 2.42 -1.55 -30.50
C ILE A 383 1.23 -2.32 -31.10
N GLN A 384 0.04 -1.72 -31.07
CA GLN A 384 -1.15 -2.32 -31.66
C GLN A 384 -0.91 -2.65 -33.15
N THR A 385 -0.40 -1.65 -33.89
CA THR A 385 -0.16 -1.82 -35.31
C THR A 385 0.88 -2.92 -35.58
N VAL A 387 1.57 -5.59 -33.76
CA VAL A 387 0.98 -6.90 -33.57
C VAL A 387 0.05 -7.22 -34.74
N GLN A 388 -0.78 -6.27 -35.13
CA GLN A 388 -1.74 -6.54 -36.19
C GLN A 388 -1.08 -6.88 -37.51
N ARG A 389 0.00 -6.18 -37.85
CA ARG A 389 0.63 -6.35 -39.15
C ARG A 389 1.26 -7.74 -39.22
N VAL A 390 1.74 -8.24 -38.09
CA VAL A 390 2.25 -9.61 -38.05
C VAL A 390 1.09 -10.60 -38.21
N LEU A 391 -0.01 -10.38 -37.48
CA LEU A 391 -1.15 -11.30 -37.53
C LEU A 391 -1.72 -11.36 -38.95
N LEU A 392 -1.69 -10.22 -39.65
CA LEU A 392 -2.25 -10.10 -40.98
C LEU A 392 -1.31 -10.63 -42.05
N GLY A 393 -0.07 -10.92 -41.65
CA GLY A 393 0.92 -11.46 -42.57
C GLY A 393 1.52 -10.39 -43.48
N GLU A 394 1.34 -9.13 -43.09
CA GLU A 394 1.86 -8.01 -43.88
C GLU A 394 3.34 -7.81 -43.62
N LEU A 395 3.77 -8.08 -42.39
CA LEU A 395 5.17 -7.94 -42.03
C LEU A 395 5.63 -9.14 -41.21
N THR A 396 6.92 -9.45 -41.30
CA THR A 396 7.54 -10.40 -40.39
C THR A 396 7.68 -9.75 -39.04
N PRO A 397 7.78 -10.55 -37.97
CA PRO A 397 7.99 -9.94 -36.65
C PRO A 397 9.21 -8.98 -36.65
N GLU A 398 10.29 -9.36 -37.32
CA GLU A 398 11.48 -8.54 -37.35
C GLU A 398 11.20 -7.19 -38.01
N GLU A 399 10.50 -7.22 -39.15
CA GLU A 399 10.15 -5.98 -39.84
C GLU A 399 9.23 -5.10 -38.98
N ALA A 400 8.28 -5.73 -38.32
CA ALA A 400 7.24 -4.98 -37.59
C ALA A 400 7.84 -4.28 -36.37
N ILE A 401 8.68 -4.99 -35.64
CA ILE A 401 9.25 -4.48 -34.40
C ILE A 401 10.27 -3.36 -34.70
N LYS A 402 11.01 -3.47 -35.81
CA LYS A 402 11.87 -2.37 -36.26
C LYS A 402 11.11 -1.08 -36.48
N ILE A 403 10.03 -1.15 -37.26
CA ILE A 403 9.20 0.01 -37.57
C ILE A 403 8.58 0.61 -36.33
N ALA A 404 8.00 -0.24 -35.48
CA ALA A 404 7.35 0.25 -34.28
C ALA A 404 8.32 1.00 -33.38
N ALA A 405 9.52 0.46 -33.22
CA ALA A 405 10.49 1.09 -32.34
C ALA A 405 10.99 2.40 -32.93
N GLU A 406 11.22 2.42 -34.23
CA GLU A 406 11.62 3.65 -34.90
C GLU A 406 10.55 4.73 -34.74
N ASN A 407 9.28 4.35 -34.88
CA ASN A 407 8.20 5.31 -34.74
C ASN A 407 8.07 5.80 -33.31
N VAL A 408 8.28 4.90 -32.36
CA VAL A 408 8.23 5.28 -30.95
C VAL A 408 9.36 6.29 -30.66
N ASN A 409 10.55 6.06 -31.21
CA ASN A 409 11.64 6.99 -30.95
C ASN A 409 11.38 8.37 -31.55
N LYS A 410 10.70 8.41 -32.69
CA LYS A 410 10.34 9.69 -33.29
C LYS A 410 9.28 10.40 -32.44
N ILE A 411 8.33 9.64 -31.93
CA ILE A 411 7.31 10.18 -31.05
C ILE A 411 7.97 10.80 -29.82
N LEU A 412 8.98 10.13 -29.27
CA LEU A 412 9.60 10.57 -28.03
C LEU A 412 10.52 11.76 -28.27
N GLY A 413 10.96 11.91 -29.51
CA GLY A 413 11.91 12.96 -29.87
C GLY A 413 11.20 14.17 -30.47
N ALA A 414 9.89 14.04 -30.63
CA ALA A 414 9.07 15.11 -31.21
C ALA A 414 8.55 16.05 -30.13
N SER B 22 -17.20 27.42 29.49
CA SER B 22 -17.01 27.70 28.07
C SER B 22 -15.54 27.69 27.66
N LYS B 23 -14.64 27.29 28.57
CA LYS B 23 -13.23 27.09 28.23
C LYS B 23 -13.13 25.88 27.31
N THR B 24 -12.22 25.93 26.33
CA THR B 24 -12.08 24.83 25.36
C THR B 24 -10.63 24.46 25.09
N LEU B 25 -10.47 23.23 24.63
CA LEU B 25 -9.17 22.68 24.34
C LEU B 25 -9.37 21.78 23.14
N THR B 26 -8.37 21.75 22.26
CA THR B 26 -8.32 20.76 21.19
C THR B 26 -7.10 19.87 21.40
N ILE B 27 -7.32 18.55 21.42
CA ILE B 27 -6.26 17.57 21.45
C ILE B 27 -6.30 16.71 20.19
N TRP B 28 -5.12 16.48 19.62
CA TRP B 28 -4.97 15.56 18.50
C TRP B 28 -4.22 14.32 18.98
N ILE B 29 -4.81 13.16 18.76
CA ILE B 29 -4.21 11.89 19.15
C ILE B 29 -3.85 11.19 17.87
N GLY B 30 -2.65 10.63 17.79
CA GLY B 30 -2.20 10.05 16.53
C GLY B 30 -1.46 8.74 16.69
N GLY B 31 -1.38 8.00 15.60
CA GLY B 31 -0.77 6.68 15.60
C GLY B 31 -1.76 5.56 15.90
N GLN B 32 -1.23 4.37 16.13
CA GLN B 32 -2.08 3.19 16.23
C GLN B 32 -3.08 3.26 17.40
N VAL B 33 -2.73 3.95 18.48
CA VAL B 33 -3.59 3.99 19.67
C VAL B 33 -4.80 4.89 19.42
N ALA B 34 -4.77 5.67 18.34
CA ALA B 34 -5.90 6.53 18.00
C ALA B 34 -7.11 5.70 17.54
N GLU B 35 -6.90 4.42 17.26
CA GLU B 35 -8.01 3.51 16.94
C GLU B 35 -8.94 3.28 18.11
N LEU B 36 -8.44 3.48 19.32
CA LEU B 36 -9.21 3.20 20.52
C LEU B 36 -10.08 4.41 20.87
N ASP B 37 -11.01 4.74 19.97
CA ASP B 37 -11.76 5.99 20.09
C ASP B 37 -12.66 6.06 21.32
N GLU B 38 -13.38 4.99 21.64
CA GLU B 38 -14.27 5.00 22.79
C GLU B 38 -13.47 5.15 24.08
N THR B 39 -12.32 4.48 24.16
CA THR B 39 -11.45 4.56 25.35
C THR B 39 -10.90 5.98 25.55
N TRP B 40 -10.40 6.60 24.47
CA TRP B 40 -9.93 7.98 24.56
C TRP B 40 -11.04 8.92 24.99
N ASN B 41 -12.22 8.76 24.40
CA ASN B 41 -13.30 9.67 24.73
C ASN B 41 -13.87 9.46 26.14
N SER B 42 -13.80 8.25 26.66
CA SER B 42 -14.16 8.05 28.07
C SER B 42 -13.17 8.73 29.01
N VAL B 43 -11.87 8.65 28.70
CA VAL B 43 -10.86 9.36 29.49
C VAL B 43 -11.13 10.86 29.45
N ILE B 44 -11.43 11.37 28.27
CA ILE B 44 -11.66 12.80 28.10
C ILE B 44 -12.94 13.21 28.85
N LYS B 45 -13.97 12.35 28.86
CA LYS B 45 -15.20 12.67 29.58
C LYS B 45 -14.91 12.94 31.05
N THR B 46 -14.05 12.12 31.63
CA THR B 46 -13.74 12.24 33.05
C THR B 46 -12.98 13.53 33.30
N PHE B 47 -12.09 13.90 32.39
CA PHE B 47 -11.39 15.18 32.50
C PHE B 47 -12.39 16.34 32.48
N GLU B 48 -13.36 16.28 31.57
CA GLU B 48 -14.34 17.35 31.40
C GLU B 48 -15.19 17.51 32.64
N GLU B 49 -15.51 16.37 33.25
CA GLU B 49 -16.35 16.38 34.44
C GLU B 49 -15.56 16.98 35.61
N LYS B 50 -14.26 16.78 35.64
CA LYS B 50 -13.44 17.28 36.75
C LYS B 50 -13.09 18.75 36.61
N TYR B 51 -12.81 19.19 35.37
CA TYR B 51 -12.26 20.53 35.16
C TYR B 51 -13.18 21.51 34.41
N GLY B 52 -14.28 21.03 33.85
CA GLY B 52 -15.21 21.92 33.19
C GLY B 52 -14.60 22.67 32.02
N ILE B 53 -13.77 21.97 31.26
CA ILE B 53 -13.23 22.46 30.00
C ILE B 53 -13.80 21.55 28.92
N SER B 54 -14.33 22.11 27.84
CA SER B 54 -14.89 21.30 26.78
C SER B 54 -13.77 20.93 25.82
N VAL B 55 -13.61 19.63 25.56
CA VAL B 55 -12.47 19.14 24.77
C VAL B 55 -12.92 18.58 23.45
N GLU B 56 -12.27 19.07 22.40
CA GLU B 56 -12.41 18.54 21.06
C GLU B 56 -11.29 17.54 20.86
N VAL B 57 -11.62 16.31 20.47
CA VAL B 57 -10.63 15.27 20.19
C VAL B 57 -10.62 14.97 18.69
N GLN B 58 -9.47 15.06 18.02
CA GLN B 58 -9.36 14.52 16.67
C GLN B 58 -8.35 13.36 16.70
N LEU B 59 -8.71 12.27 16.03
CA LEU B 59 -7.95 11.04 16.00
C LEU B 59 -7.39 10.80 14.62
N PHE B 60 -6.09 10.53 14.54
CA PHE B 60 -5.41 10.33 13.26
C PHE B 60 -4.68 8.99 13.26
N GLY B 61 -4.83 8.20 12.21
CA GLY B 61 -4.07 6.97 12.13
C GLY B 61 -2.61 7.27 11.86
N PHE B 62 -1.75 6.29 12.10
CA PHE B 62 -0.33 6.42 11.81
C PHE B 62 -0.10 6.67 10.33
N ASP B 63 -1.06 6.26 9.48
CA ASP B 63 -0.95 6.48 8.05
C ASP B 63 -0.94 7.98 7.68
N THR B 64 -1.70 8.81 8.42
CA THR B 64 -1.89 10.20 8.02
C THR B 64 -1.19 11.21 8.93
N TYR B 65 -0.85 10.80 10.14
CA TYR B 65 -0.65 11.79 11.21
C TYR B 65 0.54 12.71 11.03
N TYR B 66 1.73 12.21 10.67
CA TYR B 66 2.89 13.09 10.59
C TYR B 66 2.61 14.24 9.62
N ASP B 67 2.07 13.90 8.45
CA ASP B 67 1.78 14.90 7.42
C ASP B 67 0.75 15.91 7.88
N LYS B 68 -0.32 15.43 8.50
CA LYS B 68 -1.33 16.32 9.05
C LYS B 68 -0.73 17.26 10.09
N LEU B 69 0.07 16.72 11.01
CA LEU B 69 0.59 17.52 12.10
C LEU B 69 1.65 18.53 11.61
N VAL B 70 2.55 18.11 10.74
CA VAL B 70 3.55 19.03 10.17
C VAL B 70 2.86 20.15 9.42
N THR B 71 1.84 19.80 8.63
CA THR B 71 1.15 20.82 7.85
C THR B 71 0.53 21.86 8.79
N ALA B 72 -0.10 21.40 9.87
CA ALA B 72 -0.73 22.30 10.80
C ALA B 72 0.30 23.14 11.55
N LEU B 73 1.40 22.55 11.99
CA LEU B 73 2.36 23.30 12.78
C LEU B 73 3.02 24.37 11.92
N GLN B 74 3.30 24.03 10.66
CA GLN B 74 3.95 24.95 9.73
C GLN B 74 3.07 26.18 9.54
N ALA B 75 1.77 25.96 9.55
CA ALA B 75 0.80 27.01 9.28
C ALA B 75 0.44 27.77 10.55
N GLY B 76 0.99 27.35 11.68
CA GLY B 76 0.66 27.91 12.96
C GLY B 76 -0.78 27.60 13.34
N LYS B 77 -1.28 26.47 12.86
CA LYS B 77 -2.66 26.05 13.09
C LYS B 77 -2.80 24.68 13.81
N GLY B 78 -1.83 24.34 14.65
CA GLY B 78 -1.93 23.10 15.38
C GLY B 78 -3.06 23.16 16.41
N PRO B 79 -3.32 22.02 17.06
CA PRO B 79 -4.21 21.95 18.23
C PRO B 79 -3.55 22.61 19.45
N ASP B 80 -4.17 22.48 20.61
CA ASP B 80 -3.56 22.98 21.85
C ASP B 80 -2.63 21.96 22.45
N LEU B 81 -2.92 20.69 22.20
CA LEU B 81 -2.12 19.57 22.72
C LEU B 81 -2.11 18.50 21.65
N ALA B 82 -0.95 17.90 21.40
CA ALA B 82 -0.81 16.98 20.28
C ALA B 82 0.09 15.82 20.65
N PHE B 83 -0.26 14.63 20.16
CA PHE B 83 0.65 13.51 20.15
C PHE B 83 1.85 13.79 19.23
N ALA B 84 3.02 13.32 19.63
CA ALA B 84 4.22 13.39 18.81
C ALA B 84 5.04 12.15 19.07
N ASP B 85 5.56 11.54 18.01
CA ASP B 85 6.26 10.26 18.11
C ASP B 85 7.58 10.48 18.85
N LEU B 86 7.89 9.61 19.81
CA LEU B 86 9.18 9.65 20.48
C LEU B 86 10.34 9.40 19.51
N GLY B 87 10.03 8.85 18.34
CA GLY B 87 11.03 8.60 17.30
C GLY B 87 11.40 9.86 16.52
N GLY B 88 11.97 10.85 17.19
CA GLY B 88 12.56 11.99 16.50
C GLY B 88 11.70 13.19 16.22
N TRP B 89 10.39 13.10 16.43
CA TRP B 89 9.53 14.22 16.03
C TRP B 89 9.73 15.42 16.91
N VAL B 90 10.00 15.22 18.20
CA VAL B 90 10.02 16.36 19.10
C VAL B 90 11.29 17.21 18.84
N PRO B 91 12.47 16.58 18.66
CA PRO B 91 13.62 17.40 18.26
C PRO B 91 13.40 18.12 16.92
N THR B 92 12.75 17.43 15.98
CA THR B 92 12.50 18.01 14.67
C THR B 92 11.61 19.26 14.79
N PHE B 93 10.51 19.15 15.51
CA PHE B 93 9.60 20.29 15.69
C PHE B 93 10.17 21.39 16.58
N ALA B 94 10.89 21.01 17.63
CA ALA B 94 11.40 22.00 18.59
C ALA B 94 12.46 22.89 17.92
N GLU B 95 13.23 22.31 17.01
CA GLU B 95 14.28 23.05 16.30
C GLU B 95 13.70 24.20 15.50
N LYS B 96 12.45 24.03 15.06
CA LYS B 96 11.76 25.04 14.25
C LYS B 96 11.04 26.13 15.05
N GLY B 97 11.01 26.00 16.39
CA GLY B 97 10.22 26.88 17.21
C GLY B 97 8.74 26.54 17.28
N TRP B 98 8.39 25.33 16.87
CA TRP B 98 6.99 24.94 16.80
C TRP B 98 6.37 24.50 18.12
N LEU B 99 7.21 24.20 19.10
CA LEU B 99 6.73 23.67 20.38
C LEU B 99 7.04 24.56 21.56
N GLU B 100 6.07 24.65 22.48
CA GLU B 100 6.25 25.33 23.75
C GLU B 100 7.21 24.53 24.63
N PRO B 101 8.18 25.19 25.27
CA PRO B 101 9.00 24.43 26.23
C PRO B 101 8.18 23.93 27.40
N GLU B 103 9.89 22.63 30.25
CA GLU B 103 10.89 22.43 31.28
C GLU B 103 10.40 22.90 32.66
N GLU B 104 9.83 24.10 32.73
CA GLU B 104 9.29 24.62 33.99
C GLU B 104 8.17 23.72 34.55
N HIS B 105 7.20 23.39 33.72
CA HIS B 105 6.11 22.56 34.18
C HIS B 105 6.63 21.21 34.69
N LEU B 106 7.58 20.63 33.98
CA LEU B 106 8.06 19.32 34.37
C LEU B 106 8.90 19.41 35.63
N LYS B 107 9.60 20.52 35.82
CA LYS B 107 10.42 20.68 37.02
C LYS B 107 9.54 20.59 38.25
N ASN B 108 8.33 21.14 38.13
CA ASN B 108 7.41 21.25 39.24
C ASN B 108 6.35 20.11 39.35
N TRP B 109 6.39 19.16 38.43
CA TRP B 109 5.35 18.14 38.34
C TRP B 109 5.72 16.89 39.13
N GLU B 110 4.80 16.40 39.95
CA GLU B 110 5.04 15.17 40.73
C GLU B 110 5.41 13.98 39.87
N GLY B 111 4.86 13.91 38.67
CA GLY B 111 5.10 12.75 37.86
C GLY B 111 6.47 12.67 37.21
N THR B 112 7.20 13.78 37.16
CA THR B 112 8.43 13.82 36.38
C THR B 112 9.43 12.76 36.82
N ALA B 113 9.55 12.59 38.13
CA ALA B 113 10.47 11.61 38.67
C ALA B 113 10.06 10.18 38.35
N GLN B 114 8.82 9.99 37.89
CA GLN B 114 8.29 8.66 37.61
C GLN B 114 8.57 8.22 36.18
N ILE B 115 8.92 9.16 35.33
CA ILE B 115 9.07 8.85 33.89
C ILE B 115 10.37 8.05 33.68
N TRP B 116 10.28 6.92 32.97
CA TRP B 116 11.48 6.14 32.66
C TRP B 116 12.57 7.09 32.13
N PRO B 117 13.78 7.04 32.73
CA PRO B 117 14.74 8.11 32.43
C PRO B 117 15.30 8.04 31.03
N ASN B 118 15.27 6.87 30.39
CA ASN B 118 15.69 6.79 29.01
C ASN B 118 14.74 7.45 28.03
N LEU B 119 13.57 7.88 28.51
CA LEU B 119 12.67 8.60 27.64
C LEU B 119 12.96 10.09 27.53
N TRP B 120 13.67 10.68 28.47
CA TRP B 120 13.82 12.13 28.38
C TRP B 120 14.66 12.55 27.16
N PRO B 121 15.72 11.80 26.81
CA PRO B 121 16.46 12.23 25.62
C PRO B 121 15.64 12.27 24.34
N THR B 122 14.56 11.51 24.28
CA THR B 122 13.74 11.43 23.07
C THR B 122 12.90 12.67 22.86
N VAL B 123 12.73 13.49 23.89
CA VAL B 123 11.90 14.71 23.82
C VAL B 123 12.67 15.97 24.15
N THR B 124 13.99 15.86 24.06
CA THR B 124 14.88 16.95 24.45
C THR B 124 15.53 17.57 23.22
N TYR B 125 15.53 18.90 23.17
CA TYR B 125 16.26 19.66 22.15
C TYR B 125 17.10 20.69 22.87
N LYS B 126 18.41 20.64 22.68
CA LYS B 126 19.36 21.57 23.34
C LYS B 126 19.10 21.70 24.85
N LYS B 127 19.03 20.54 25.51
CA LYS B 127 18.87 20.40 26.95
C LYS B 127 17.55 20.91 27.50
N ILE B 128 16.56 21.12 26.63
CA ILE B 128 15.25 21.55 27.05
C ILE B 128 14.23 20.47 26.66
N ARG B 129 13.37 20.10 27.60
CA ARG B 129 12.33 19.12 27.28
C ARG B 129 11.12 19.80 26.66
N TYR B 130 10.69 19.28 25.51
CA TYR B 130 9.56 19.81 24.76
C TYR B 130 8.39 18.85 24.62
N GLY B 131 8.41 17.76 25.37
CA GLY B 131 7.31 16.82 25.36
C GLY B 131 7.22 16.04 26.65
N LEU B 132 6.02 15.53 26.91
CA LEU B 132 5.75 14.67 28.06
C LEU B 132 5.42 13.28 27.56
N PRO B 133 6.35 12.32 27.71
CA PRO B 133 6.05 10.97 27.22
C PRO B 133 4.80 10.40 27.87
N TRP B 134 3.85 9.94 27.04
CA TRP B 134 2.56 9.48 27.54
C TRP B 134 2.50 7.94 27.53
N TYR B 135 2.89 7.31 26.41
CA TYR B 135 3.08 5.87 26.41
C TYR B 135 4.40 5.52 25.74
N THR B 136 4.95 4.38 26.15
CA THR B 136 6.17 3.90 25.53
C THR B 136 6.03 2.42 25.16
N ASP B 137 7.10 1.88 24.58
CA ASP B 137 7.13 0.50 24.14
C ASP B 137 8.56 0.15 23.84
N CYS B 138 8.81 -1.14 23.62
CA CYS B 138 9.97 -1.53 22.86
C CYS B 138 9.52 -2.62 21.90
N ARG B 139 10.33 -2.81 20.86
CA ARG B 139 9.96 -3.77 19.85
C ARG B 139 10.52 -5.17 20.09
N LEU B 140 9.66 -6.12 19.76
CA LEU B 140 9.79 -7.54 20.12
C LEU B 140 9.24 -8.43 19.00
N LEU B 141 9.48 -9.72 19.11
CA LEU B 141 8.73 -10.68 18.30
C LEU B 141 7.34 -10.82 18.86
N LEU B 142 6.33 -10.54 18.04
CA LEU B 142 4.94 -10.80 18.37
C LEU B 142 4.53 -12.09 17.67
N TYR B 143 3.91 -13.01 18.37
CA TYR B 143 3.57 -14.27 17.71
C TYR B 143 2.30 -14.97 18.23
N ASN B 144 1.79 -15.84 17.35
CA ASN B 144 0.50 -16.52 17.49
C ASN B 144 0.70 -17.97 17.96
N LYS B 145 0.30 -18.25 19.20
CA LYS B 145 0.54 -19.55 19.83
C LYS B 145 -0.19 -20.67 19.12
N ALA B 146 -1.43 -20.43 18.71
CA ALA B 146 -2.23 -21.44 18.03
C ALA B 146 -1.57 -21.85 16.70
N PHE B 148 1.58 -21.70 15.95
CA PHE B 148 2.76 -22.49 16.29
C PHE B 148 2.33 -23.94 16.53
N GLU B 149 1.28 -24.12 17.32
CA GLU B 149 0.83 -25.48 17.66
C GLU B 149 0.38 -26.25 16.42
N LYS B 150 -0.42 -25.62 15.56
CA LYS B 150 -0.90 -26.30 14.35
C LYS B 150 0.27 -26.70 13.44
N ALA B 151 1.43 -26.08 13.67
CA ALA B 151 2.61 -26.36 12.86
C ALA B 151 3.54 -27.34 13.56
N GLY B 152 3.12 -27.85 14.72
CA GLY B 152 3.92 -28.82 15.45
C GLY B 152 5.10 -28.22 16.19
N LEU B 153 5.08 -26.92 16.38
CA LEU B 153 6.10 -26.23 17.16
C LEU B 153 5.58 -26.02 18.57
N ASN B 154 6.51 -25.91 19.52
CA ASN B 154 6.13 -25.55 20.88
C ASN B 154 5.87 -24.05 20.98
N PRO B 155 4.61 -23.65 21.27
CA PRO B 155 4.29 -22.22 21.33
C PRO B 155 4.97 -21.50 22.47
N ASP B 156 5.55 -22.23 23.40
CA ASP B 156 6.24 -21.61 24.52
C ASP B 156 7.73 -21.58 24.28
N ASN B 157 8.17 -21.92 23.06
CA ASN B 157 9.60 -21.88 22.73
C ASN B 157 9.82 -21.16 21.40
N PRO B 158 9.49 -19.86 21.37
CA PRO B 158 9.70 -19.12 20.12
C PRO B 158 11.17 -19.08 19.70
N PRO B 159 11.43 -18.78 18.42
CA PRO B 159 12.82 -18.74 17.96
C PRO B 159 13.63 -17.67 18.68
N LYS B 160 14.89 -18.00 18.98
CA LYS B 160 15.79 -17.08 19.65
C LYS B 160 16.81 -16.46 18.72
N THR B 161 17.18 -17.19 17.67
CA THR B 161 18.22 -16.77 16.74
C THR B 161 17.66 -16.60 15.33
N TRP B 162 18.42 -15.90 14.48
CA TRP B 162 18.01 -15.76 13.10
C TRP B 162 17.82 -17.11 12.42
N ASP B 163 18.73 -18.07 12.66
CA ASP B 163 18.59 -19.37 12.02
C ASP B 163 17.30 -20.06 12.48
N GLU B 164 16.95 -19.92 13.75
CA GLU B 164 15.71 -20.51 14.27
C GLU B 164 14.48 -19.77 13.73
N LEU B 165 14.61 -18.45 13.53
CA LEU B 165 13.51 -17.68 12.98
C LEU B 165 13.19 -18.15 11.57
N LEU B 166 14.21 -18.24 10.73
CA LEU B 166 14.02 -18.72 9.37
C LEU B 166 13.37 -20.10 9.39
N ASP B 167 13.84 -20.99 10.26
CA ASP B 167 13.33 -22.33 10.21
C ASP B 167 11.86 -22.39 10.63
N ALA B 168 11.52 -21.60 11.66
CA ALA B 168 10.15 -21.58 12.18
C ALA B 168 9.23 -20.97 11.12
N ALA B 169 9.72 -19.92 10.46
CA ALA B 169 8.94 -19.21 9.46
C ALA B 169 8.67 -20.10 8.25
N LEU B 170 9.68 -20.85 7.84
CA LEU B 170 9.55 -21.74 6.70
C LEU B 170 8.58 -22.88 7.05
N LYS B 171 8.64 -23.39 8.27
CA LYS B 171 7.75 -24.48 8.68
C LYS B 171 6.29 -24.06 8.74
N ILE B 172 6.02 -22.83 9.19
CA ILE B 172 4.65 -22.36 9.34
C ILE B 172 4.02 -21.93 8.02
N THR B 173 4.82 -21.30 7.15
CA THR B 173 4.32 -20.73 5.91
C THR B 173 3.66 -21.83 5.07
N ASP B 174 2.46 -21.55 4.58
CA ASP B 174 1.66 -22.55 3.84
C ASP B 174 0.77 -21.80 2.88
N THR B 175 1.33 -21.45 1.73
CA THR B 175 0.66 -20.63 0.74
C THR B 175 -0.73 -21.18 0.40
N LYS B 176 -0.82 -22.49 0.19
CA LYS B 176 -2.06 -23.11 -0.25
C LYS B 176 -3.17 -22.93 0.79
N ASN B 177 -2.79 -22.72 2.04
CA ASN B 177 -3.75 -22.46 3.10
C ASN B 177 -3.74 -20.99 3.55
N ARG B 178 -3.12 -20.12 2.75
CA ARG B 178 -3.26 -18.67 2.94
C ARG B 178 -2.41 -18.17 4.13
N ILE B 179 -1.44 -18.97 4.56
CA ILE B 179 -0.78 -18.73 5.84
C ILE B 179 0.69 -18.34 5.70
N TYR B 180 1.11 -17.38 6.52
CA TYR B 180 2.47 -16.86 6.46
C TYR B 180 3.15 -16.94 7.81
N GLY B 181 4.45 -17.21 7.78
CA GLY B 181 5.21 -17.39 8.98
C GLY B 181 5.74 -16.12 9.64
N TYR B 182 6.16 -15.13 8.86
CA TYR B 182 6.83 -13.94 9.45
C TYR B 182 6.67 -12.73 8.55
N GLY B 183 6.05 -11.68 9.07
CA GLY B 183 5.77 -10.50 8.27
C GLY B 183 6.92 -9.50 8.30
N VAL B 184 7.36 -9.10 7.10
CA VAL B 184 8.44 -8.14 6.88
C VAL B 184 7.85 -6.81 6.39
N SER B 185 8.14 -5.73 7.09
CA SER B 185 7.67 -4.42 6.67
C SER B 185 8.58 -3.83 5.59
N GLY B 186 8.01 -3.52 4.42
CA GLY B 186 8.77 -2.96 3.32
C GLY B 186 8.08 -1.80 2.64
N THR B 187 7.09 -1.22 3.32
CA THR B 187 6.35 -0.03 2.90
C THR B 187 7.18 1.25 3.07
N LYS B 188 6.76 2.34 2.43
CA LYS B 188 7.37 3.64 2.68
C LYS B 188 6.76 4.25 3.95
N THR B 189 6.98 3.57 5.07
CA THR B 189 6.50 3.99 6.37
C THR B 189 7.58 3.71 7.41
N GLU B 190 7.41 4.30 8.58
CA GLU B 190 8.39 4.16 9.64
C GLU B 190 8.61 2.71 10.06
N HIS B 191 7.61 1.86 9.90
CA HIS B 191 7.76 0.45 10.30
C HIS B 191 8.95 -0.17 9.59
N THR B 192 9.19 0.24 8.36
CA THR B 192 10.28 -0.35 7.59
C THR B 192 11.65 0.05 8.13
N THR B 193 11.78 1.31 8.51
CA THR B 193 13.02 1.77 9.11
C THR B 193 13.22 1.00 10.42
N LEU B 194 12.15 0.85 11.17
CA LEU B 194 12.23 0.16 12.45
C LEU B 194 12.61 -1.30 12.26
N GLY B 195 12.08 -1.93 11.21
CA GLY B 195 12.39 -3.32 10.95
C GLY B 195 13.84 -3.47 10.56
N TYR B 196 14.30 -2.62 9.67
CA TYR B 196 15.71 -2.66 9.31
C TYR B 196 16.61 -2.43 10.54
N PHE B 199 17.03 -5.50 12.67
CA PHE B 199 17.96 -6.48 12.11
C PHE B 199 19.40 -5.95 12.15
N LEU B 200 19.58 -4.65 11.91
CA LEU B 200 20.88 -3.98 11.95
C LEU B 200 21.55 -4.12 13.30
N TYR B 201 20.81 -3.78 14.35
CA TYR B 201 21.35 -3.86 15.70
C TYR B 201 21.51 -5.34 16.11
N ALA B 202 20.62 -6.22 15.64
CA ALA B 202 20.74 -7.66 15.93
C ALA B 202 22.00 -8.24 15.32
N ALA B 203 22.44 -7.64 14.22
CA ALA B 203 23.68 -8.05 13.55
C ALA B 203 24.91 -7.39 14.16
N GLY B 204 24.73 -6.56 15.18
CA GLY B 204 25.85 -5.87 15.83
C GLY B 204 26.26 -4.54 15.21
N GLY B 205 25.42 -4.03 14.31
CA GLY B 205 25.66 -2.77 13.64
C GLY B 205 25.00 -1.60 14.36
N LYS B 206 25.09 -0.42 13.76
CA LYS B 206 24.51 0.79 14.32
C LYS B 206 24.03 1.68 13.17
N LEU B 207 23.06 2.55 13.45
CA LEU B 207 22.51 3.41 12.41
C LEU B 207 23.44 4.60 12.11
N LEU B 208 23.63 5.48 13.09
CA LEU B 208 24.61 6.56 12.98
C LEU B 208 25.75 6.30 13.96
N THR B 209 26.85 7.01 13.75
CA THR B 209 27.93 7.04 14.71
C THR B 209 27.40 7.59 16.03
N ASP B 210 28.12 7.32 17.10
CA ASP B 210 27.64 7.61 18.43
C ASP B 210 27.38 9.10 18.65
N ASP B 211 28.09 9.96 17.95
CA ASP B 211 27.89 11.40 18.07
C ASP B 211 26.82 11.92 17.09
N TYR B 212 26.12 10.99 16.45
CA TYR B 212 25.07 11.28 15.47
C TYR B 212 25.57 12.04 14.24
N SER B 213 26.88 12.05 13.99
CA SER B 213 27.41 12.92 12.95
C SER B 213 27.53 12.29 11.57
N LYS B 214 27.60 10.97 11.49
CA LYS B 214 27.76 10.28 10.20
C LYS B 214 26.92 9.00 10.16
N ALA B 215 26.66 8.52 8.96
CA ALA B 215 26.07 7.19 8.81
C ALA B 215 27.04 6.11 9.25
N ALA B 216 26.51 5.08 9.92
CA ALA B 216 27.33 3.97 10.41
C ALA B 216 26.83 2.62 9.89
N PHE B 217 25.70 2.61 9.21
CA PHE B 217 25.05 1.35 8.84
C PHE B 217 25.64 0.72 7.58
N ASP B 218 26.47 1.47 6.85
CA ASP B 218 27.06 0.88 5.65
C ASP B 218 28.30 0.13 6.09
N SER B 219 28.06 -1.09 6.52
CA SER B 219 29.04 -1.94 7.19
C SER B 219 28.74 -3.37 6.84
N PRO B 220 29.64 -4.30 7.18
CA PRO B 220 29.31 -5.71 6.91
C PRO B 220 28.06 -6.12 7.71
N GLU B 221 27.90 -5.58 8.91
CA GLU B 221 26.73 -5.92 9.72
C GLU B 221 25.46 -5.37 9.06
N GLY B 222 25.53 -4.13 8.57
CA GLY B 222 24.38 -3.48 7.95
C GLY B 222 23.98 -4.16 6.67
N LEU B 223 24.97 -4.64 5.92
CA LEU B 223 24.67 -5.36 4.69
C LEU B 223 24.06 -6.72 4.98
N LYS B 224 24.63 -7.43 5.94
CA LYS B 224 24.07 -8.71 6.34
C LYS B 224 22.61 -8.55 6.78
N ALA B 225 22.36 -7.51 7.56
CA ALA B 225 21.00 -7.24 8.02
C ALA B 225 20.08 -6.94 6.85
N LEU B 226 20.54 -6.12 5.89
CA LEU B 226 19.69 -5.77 4.75
C LEU B 226 19.36 -7.02 3.94
N LYS B 227 20.35 -7.87 3.75
CA LYS B 227 20.13 -9.08 2.93
C LYS B 227 19.17 -10.04 3.60
N PHE B 228 19.30 -10.28 4.91
CA PHE B 228 18.45 -11.27 5.57
C PHE B 228 17.03 -10.74 5.69
N TYR B 229 16.90 -9.47 6.09
CA TYR B 229 15.57 -8.85 6.21
C TYR B 229 14.78 -8.93 4.91
N THR B 230 15.42 -8.55 3.81
CA THR B 230 14.73 -8.57 2.52
C THR B 230 14.59 -10.01 1.97
N ASP B 231 15.55 -10.88 2.23
CA ASP B 231 15.43 -12.29 1.79
C ASP B 231 14.23 -13.01 2.40
N LEU B 232 13.89 -12.73 3.66
CA LEU B 232 12.72 -13.32 4.28
C LEU B 232 11.50 -13.09 3.41
N ALA B 233 11.43 -11.92 2.79
CA ALA B 233 10.30 -11.58 1.95
C ALA B 233 10.54 -12.07 0.51
N LYS B 234 11.67 -11.67 -0.06
CA LYS B 234 11.95 -11.82 -1.50
C LYS B 234 12.38 -13.23 -1.92
N LYS B 235 13.16 -13.88 -1.07
CA LYS B 235 13.72 -15.21 -1.34
C LYS B 235 12.83 -16.32 -0.79
N TYR B 236 12.42 -16.17 0.47
CA TYR B 236 11.77 -17.27 1.18
C TYR B 236 10.25 -17.17 1.17
N ASN B 237 9.74 -15.99 0.85
CA ASN B 237 8.30 -15.74 0.81
C ASN B 237 7.57 -16.20 2.05
N VAL B 238 8.16 -15.95 3.23
CA VAL B 238 7.48 -16.27 4.47
C VAL B 238 6.60 -15.11 4.94
N SER B 239 6.67 -14.00 4.20
CA SER B 239 5.87 -12.79 4.47
C SER B 239 4.87 -12.51 3.35
N PRO B 240 3.70 -11.94 3.69
CA PRO B 240 2.90 -11.31 2.65
C PRO B 240 3.73 -10.23 1.98
N ASN B 241 3.40 -9.82 0.76
CA ASN B 241 4.34 -9.01 0.01
C ASN B 241 4.78 -7.76 0.77
N ALA B 242 6.05 -7.73 1.12
CA ALA B 242 6.55 -6.73 2.05
C ALA B 242 6.50 -5.30 1.49
N ILE B 243 6.50 -5.17 0.17
CA ILE B 243 6.44 -3.87 -0.47
C ILE B 243 5.19 -3.09 -0.08
N GLN B 244 4.10 -3.80 0.23
N GLN B 244 4.12 -3.78 0.27
CA GLN B 244 2.81 -3.13 0.44
CA GLN B 244 2.85 -3.08 0.49
C GLN B 244 2.15 -3.48 1.79
C GLN B 244 2.25 -3.31 1.87
N TYR B 245 2.84 -4.19 2.67
CA TYR B 245 2.32 -4.46 4.02
C TYR B 245 3.36 -4.22 5.11
N HIS B 246 2.88 -3.93 6.32
CA HIS B 246 3.75 -3.68 7.45
C HIS B 246 3.16 -4.23 8.74
N GLU B 247 3.87 -4.01 9.85
CA GLU B 247 3.51 -4.49 11.16
C GLU B 247 2.03 -4.46 11.50
N ASP B 248 1.37 -3.35 11.21
CA ASP B 248 -0.01 -3.20 11.65
C ASP B 248 -0.89 -4.14 10.86
N ASP B 249 -0.62 -4.29 9.57
CA ASP B 249 -1.38 -5.23 8.75
C ASP B 249 -1.14 -6.66 9.27
N TYR B 250 0.11 -6.95 9.60
CA TYR B 250 0.45 -8.28 10.08
C TYR B 250 -0.22 -8.61 11.42
N ARG B 251 -0.36 -7.61 12.28
CA ARG B 251 -1.06 -7.81 13.54
C ARG B 251 -2.53 -8.12 13.29
N ASN B 252 -3.16 -7.35 12.39
CA ASN B 252 -4.55 -7.62 12.03
C ASN B 252 -4.73 -9.00 11.38
N ALA B 255 -4.51 -11.70 13.99
CA ALA B 255 -5.79 -11.80 14.72
C ALA B 255 -6.76 -12.75 14.01
N GLN B 256 -6.54 -12.97 12.71
CA GLN B 256 -7.33 -13.93 11.93
C GLN B 256 -6.53 -15.22 11.65
N ASN B 257 -5.45 -15.40 12.39
CA ASN B 257 -4.62 -16.60 12.27
C ASN B 257 -4.06 -16.83 10.87
N ARG B 258 -3.62 -15.74 10.24
CA ARG B 258 -3.03 -15.81 8.91
C ARG B 258 -1.54 -15.48 8.89
N VAL B 259 -1.07 -14.75 9.88
CA VAL B 259 0.38 -14.47 9.99
C VAL B 259 0.85 -14.81 11.40
N ALA B 260 1.84 -15.69 11.48
CA ALA B 260 2.22 -16.25 12.79
C ALA B 260 3.18 -15.38 13.60
N ALA B 262 5.46 -11.41 13.71
CA ALA B 262 5.70 -10.07 13.20
C ALA B 262 6.52 -9.31 14.24
N ILE B 263 6.94 -8.09 13.92
CA ILE B 263 7.50 -7.20 14.93
C ILE B 263 6.34 -6.44 15.57
N GLY B 264 6.32 -6.45 16.90
CA GLY B 264 5.27 -5.81 17.66
C GLY B 264 5.75 -5.46 19.05
N GLY B 265 4.81 -5.20 19.96
CA GLY B 265 5.14 -4.74 21.28
C GLY B 265 3.88 -4.49 22.07
N PRO B 266 4.01 -3.78 23.19
CA PRO B 266 2.83 -3.70 24.07
C PRO B 266 1.61 -2.90 23.51
N TRP B 267 1.82 -2.00 22.55
CA TRP B 267 0.69 -1.32 21.92
C TRP B 267 -0.15 -2.35 21.15
N SER B 268 0.50 -3.45 20.75
CA SER B 268 -0.16 -4.50 19.98
C SER B 268 -1.26 -5.19 20.75
N PHE B 269 -1.16 -5.19 22.07
CA PHE B 269 -2.04 -6.02 22.87
C PHE B 269 -3.51 -5.54 22.81
N PRO B 270 -3.81 -4.29 23.17
CA PRO B 270 -5.22 -3.84 23.01
C PRO B 270 -5.69 -3.89 21.55
N LEU B 271 -4.78 -3.67 20.61
CA LEU B 271 -5.20 -3.58 19.22
C LEU B 271 -5.50 -4.94 18.61
N ILE B 272 -4.70 -5.96 18.92
CA ILE B 272 -4.98 -7.28 18.39
C ILE B 272 -6.29 -7.79 19.04
N GLU B 273 -6.52 -7.48 20.30
CA GLU B 273 -7.77 -7.86 20.94
C GLU B 273 -8.97 -7.04 20.46
N ALA B 274 -8.76 -5.79 20.08
CA ALA B 274 -9.85 -4.97 19.55
C ALA B 274 -10.28 -5.53 18.18
N ALA B 275 -9.33 -6.11 17.46
CA ALA B 275 -9.58 -6.69 16.14
C ALA B 275 -10.30 -8.01 16.29
N ASN B 276 -9.95 -8.74 17.35
CA ASN B 276 -10.57 -10.03 17.61
C ASN B 276 -10.59 -10.35 19.08
N PRO B 277 -11.66 -9.94 19.79
CA PRO B 277 -11.64 -10.13 21.24
C PRO B 277 -11.34 -11.55 21.67
N ASP B 278 -11.65 -12.53 20.82
CA ASP B 278 -11.47 -13.92 21.18
C ASP B 278 -10.05 -14.41 20.89
N ILE B 279 -9.15 -13.48 20.59
CA ILE B 279 -7.72 -13.80 20.47
C ILE B 279 -6.99 -13.73 21.82
N ALA B 280 -7.66 -13.19 22.83
CA ALA B 280 -7.04 -13.10 24.16
C ALA B 280 -6.43 -14.43 24.59
N GLY B 281 -5.21 -14.37 25.11
CA GLY B 281 -4.48 -15.52 25.61
C GLY B 281 -3.75 -16.36 24.58
N LYS B 282 -3.94 -16.03 23.30
CA LYS B 282 -3.48 -16.88 22.21
C LYS B 282 -2.29 -16.30 21.45
N TYR B 283 -1.74 -15.20 21.97
CA TYR B 283 -0.56 -14.58 21.38
C TYR B 283 0.43 -14.28 22.49
N SER B 284 1.69 -14.09 22.12
CA SER B 284 2.68 -13.63 23.10
C SER B 284 3.78 -12.82 22.45
N VAL B 285 4.80 -12.45 23.25
CA VAL B 285 5.95 -11.72 22.74
C VAL B 285 7.22 -12.39 23.26
N ALA B 286 8.32 -12.15 22.56
CA ALA B 286 9.62 -12.64 22.94
C ALA B 286 10.66 -11.64 22.45
N LEU B 287 11.82 -11.63 23.08
CA LEU B 287 12.98 -10.96 22.52
C LEU B 287 13.13 -11.34 21.05
N HIS B 288 13.28 -10.35 20.16
CA HIS B 288 13.28 -10.69 18.74
C HIS B 288 14.50 -11.54 18.45
N PRO B 289 14.33 -12.55 17.61
CA PRO B 289 15.50 -13.32 17.15
C PRO B 289 16.68 -12.45 16.72
N TYR B 290 17.89 -12.83 17.11
CA TYR B 290 19.05 -12.04 16.76
C TYR B 290 20.19 -12.87 16.23
N ASP B 291 21.21 -12.17 15.76
CA ASP B 291 22.38 -12.75 15.14
C ASP B 291 23.54 -12.65 16.13
N ALA B 292 24.18 -11.49 16.13
CA ALA B 292 25.33 -11.21 17.00
C ALA B 292 24.98 -10.75 18.42
N LYS B 293 23.94 -9.94 18.56
CA LYS B 293 23.61 -9.24 19.81
C LYS B 293 22.10 -9.14 19.96
N PRO B 294 21.58 -9.35 21.18
CA PRO B 294 20.17 -9.00 21.40
C PRO B 294 19.91 -7.55 21.06
N ALA B 295 18.75 -7.30 20.46
CA ALA B 295 18.40 -5.96 20.07
C ALA B 295 16.90 -5.67 20.22
N SER B 296 16.61 -4.42 20.57
CA SER B 296 15.25 -3.89 20.59
C SER B 296 15.34 -2.40 20.26
N VAL B 297 14.28 -1.80 19.74
CA VAL B 297 14.23 -0.37 19.45
C VAL B 297 13.13 0.25 20.31
N LEU B 298 13.40 1.45 20.82
CA LEU B 298 12.52 2.21 21.71
C LEU B 298 11.48 2.96 20.92
N GLY B 299 10.25 3.02 21.43
CA GLY B 299 9.22 3.83 20.80
C GLY B 299 8.21 4.37 21.79
N GLY B 300 7.19 5.02 21.23
CA GLY B 300 6.12 5.62 21.99
C GLY B 300 5.71 6.99 21.48
N TRP B 301 4.92 7.67 22.31
CA TRP B 301 4.37 8.98 21.96
C TRP B 301 4.42 9.91 23.16
N ALA B 302 4.70 11.18 22.88
CA ALA B 302 4.67 12.26 23.86
C ALA B 302 3.51 13.19 23.57
N LEU B 303 3.10 13.92 24.60
CA LEU B 303 2.21 15.04 24.47
C LEU B 303 3.02 16.32 24.35
N VAL B 304 2.72 17.12 23.33
CA VAL B 304 3.42 18.39 23.11
C VAL B 304 2.41 19.52 22.98
N ILE B 305 2.87 20.74 23.24
CA ILE B 305 2.02 21.92 23.21
C ILE B 305 2.57 22.83 22.13
N PRO B 306 1.80 23.03 21.06
CA PRO B 306 2.34 23.96 20.03
C PRO B 306 2.57 25.38 20.55
N SER B 307 3.65 26.01 20.10
CA SER B 307 3.97 27.37 20.52
C SER B 307 2.88 28.35 20.08
N SER B 308 2.10 27.95 19.07
N SER B 308 2.09 27.98 19.07
CA SER B 308 1.02 28.77 18.54
CA SER B 308 1.05 28.87 18.59
C SER B 308 -0.23 28.80 19.42
C SER B 308 -0.28 28.71 19.33
N SER B 309 -0.35 27.85 20.34
CA SER B 309 -1.59 27.69 21.10
C SER B 309 -1.90 28.90 21.97
N PRO B 310 -3.14 29.39 21.93
CA PRO B 310 -3.58 30.43 22.86
C PRO B 310 -4.08 29.89 24.19
N ASN B 311 -4.01 28.56 24.35
CA ASN B 311 -4.51 27.90 25.55
C ASN B 311 -3.44 27.05 26.25
N LYS B 312 -2.23 27.58 26.40
CA LYS B 312 -1.09 26.76 26.82
C LYS B 312 -1.19 26.26 28.25
N GLU B 313 -1.76 27.04 29.16
CA GLU B 313 -1.85 26.58 30.54
C GLU B 313 -2.88 25.49 30.69
N ASP B 314 -4.02 25.61 30.03
CA ASP B 314 -5.03 24.55 30.11
C ASP B 314 -4.52 23.29 29.37
N ALA B 315 -3.73 23.49 28.32
CA ALA B 315 -3.14 22.35 27.62
C ALA B 315 -2.25 21.55 28.56
N TRP B 316 -1.44 22.24 29.38
CA TRP B 316 -0.64 21.55 30.38
C TRP B 316 -1.52 20.80 31.37
N LYS B 317 -2.60 21.43 31.84
CA LYS B 317 -3.50 20.78 32.78
C LYS B 317 -4.02 19.46 32.22
N LEU B 318 -4.39 19.47 30.95
CA LEU B 318 -4.86 18.26 30.31
C LEU B 318 -3.72 17.22 30.21
N ALA B 319 -2.49 17.65 29.85
CA ALA B 319 -1.38 16.71 29.75
C ALA B 319 -1.08 16.07 31.09
N GLU B 320 -1.13 16.90 32.14
CA GLU B 320 -0.89 16.48 33.52
C GLU B 320 -1.91 15.42 33.94
N TYR B 321 -3.16 15.67 33.58
CA TYR B 321 -4.23 14.76 33.92
C TYR B 321 -4.06 13.43 33.18
N LEU B 322 -3.80 13.52 31.88
CA LEU B 322 -3.68 12.33 31.05
C LEU B 322 -2.53 11.43 31.50
N THR B 323 -1.50 12.04 32.11
CA THR B 323 -0.33 11.29 32.51
C THR B 323 -0.28 11.13 34.02
N SER B 324 -1.44 11.20 34.65
CA SER B 324 -1.54 10.98 36.08
C SER B 324 -1.64 9.50 36.43
N PHE B 325 -1.33 9.21 37.69
CA PHE B 325 -1.31 7.83 38.18
C PHE B 325 -2.65 7.12 37.99
N ASP B 326 -3.74 7.70 38.46
CA ASP B 326 -5.03 6.99 38.39
C ASP B 326 -5.51 6.82 36.95
N VAL B 327 -5.26 7.80 36.09
CA VAL B 327 -5.68 7.69 34.70
C VAL B 327 -4.94 6.51 34.03
N TRP B 328 -3.64 6.40 34.28
CA TRP B 328 -2.88 5.37 33.61
C TRP B 328 -3.17 3.99 34.23
N LYS B 330 -6.07 3.02 35.38
CA LYS B 330 -7.34 2.60 34.78
C LYS B 330 -7.13 2.22 33.33
N TRP B 331 -6.31 2.98 32.60
CA TRP B 331 -6.06 2.64 31.20
C TRP B 331 -5.49 1.24 31.04
N VAL B 332 -4.45 0.94 31.78
CA VAL B 332 -3.76 -0.30 31.56
C VAL B 332 -4.64 -1.45 32.12
N GLU B 333 -5.41 -1.20 33.18
CA GLU B 333 -6.41 -2.17 33.66
C GLU B 333 -7.41 -2.55 32.58
N GLU B 334 -7.91 -1.54 31.87
CA GLU B 334 -8.94 -1.73 30.85
C GLU B 334 -8.39 -2.30 29.54
N LYS B 335 -7.23 -1.79 29.09
CA LYS B 335 -6.77 -2.09 27.73
C LYS B 335 -5.57 -3.03 27.64
N GLY B 336 -4.81 -3.16 28.73
CA GLY B 336 -3.66 -4.06 28.75
C GLY B 336 -2.44 -3.60 27.98
N GLY B 337 -2.44 -2.33 27.57
CA GLY B 337 -1.29 -1.74 26.89
C GLY B 337 -1.71 -0.38 26.34
N PRO B 338 -0.77 0.40 25.81
CA PRO B 338 0.68 0.14 25.74
C PRO B 338 1.36 0.31 27.10
N PRO B 340 3.02 2.00 30.24
CA PRO B 340 3.02 3.30 30.90
C PRO B 340 4.39 3.92 30.89
N THR B 341 4.44 5.24 30.72
CA THR B 341 5.72 5.94 30.84
C THR B 341 6.08 6.14 32.31
N ARG B 342 5.11 5.99 33.19
CA ARG B 342 5.35 6.10 34.64
C ARG B 342 5.77 4.79 35.28
N ASP B 344 5.83 4.11 38.50
CA ASP B 344 4.95 3.71 39.59
C ASP B 344 3.74 2.94 39.06
N VAL B 345 3.14 3.37 37.96
CA VAL B 345 2.06 2.60 37.35
C VAL B 345 2.55 1.24 36.89
N CYS B 346 3.73 1.19 36.25
CA CYS B 346 4.25 -0.10 35.78
C CYS B 346 4.37 -1.09 36.94
N LYS B 347 4.82 -0.60 38.09
CA LYS B 347 5.01 -1.42 39.26
C LYS B 347 3.69 -1.78 39.96
N LYS B 348 2.85 -0.78 40.20
CA LYS B 348 1.69 -0.97 41.07
C LYS B 348 0.53 -1.64 40.35
N SER B 349 0.55 -1.60 39.01
CA SER B 349 -0.39 -2.31 38.16
C SER B 349 -0.16 -3.82 38.23
N LYS B 350 1.01 -4.20 38.70
CA LYS B 350 1.41 -5.61 38.74
C LYS B 350 1.40 -6.27 37.36
N LEU B 351 1.69 -5.49 36.31
CA LEU B 351 1.78 -6.01 34.94
C LEU B 351 2.69 -7.22 34.85
N ALA B 352 3.79 -7.16 35.60
CA ALA B 352 4.85 -8.16 35.54
C ALA B 352 4.41 -9.55 36.01
N ASN B 353 3.18 -9.63 36.53
CA ASN B 353 2.61 -10.94 36.86
C ASN B 353 2.50 -11.80 35.60
N ASP B 354 2.44 -11.13 34.44
CA ASP B 354 2.28 -11.75 33.13
C ASP B 354 3.65 -11.86 32.46
N VAL B 355 3.97 -13.03 31.92
CA VAL B 355 5.28 -13.26 31.32
C VAL B 355 5.56 -12.30 30.15
N LYS B 356 4.53 -11.90 29.40
CA LYS B 356 4.70 -10.89 28.35
C LYS B 356 5.36 -9.65 28.90
N TRP B 357 4.95 -9.24 30.10
CA TRP B 357 5.43 -8.00 30.67
C TRP B 357 6.77 -8.16 31.38
N GLN B 358 7.06 -9.37 31.88
CA GLN B 358 8.42 -9.67 32.34
C GLN B 358 9.42 -9.47 31.20
N ILE B 359 9.05 -9.93 30.01
CA ILE B 359 9.90 -9.83 28.81
C ILE B 359 10.04 -8.36 28.38
N ILE B 360 8.92 -7.64 28.37
CA ILE B 360 8.95 -6.22 28.02
C ILE B 360 9.85 -5.43 28.99
N PHE B 361 9.66 -5.62 30.30
CA PHE B 361 10.40 -4.82 31.25
C PHE B 361 11.91 -5.18 31.26
N GLU B 362 12.26 -6.44 31.00
CA GLU B 362 13.68 -6.78 30.96
C GLU B 362 14.35 -6.24 29.69
N THR B 363 13.61 -6.13 28.60
CA THR B 363 14.14 -5.69 27.32
C THR B 363 14.24 -4.16 27.21
N PHE B 364 13.21 -3.48 27.72
CA PHE B 364 13.01 -2.06 27.50
C PHE B 364 14.24 -1.18 27.78
N PRO B 365 14.90 -1.40 28.92
CA PRO B 365 16.00 -0.48 29.23
C PRO B 365 17.16 -0.60 28.25
N HIS B 366 17.26 -1.71 27.55
CA HIS B 366 18.34 -1.94 26.59
C HIS B 366 17.96 -1.59 25.18
N ALA B 367 16.74 -1.09 25.00
CA ALA B 367 16.26 -0.75 23.65
C ALA B 367 16.98 0.49 23.16
N VAL B 368 17.42 0.45 21.92
CA VAL B 368 18.14 1.53 21.31
C VAL B 368 17.14 2.56 20.76
N ALA B 369 17.54 3.82 20.85
CA ALA B 369 16.76 4.93 20.36
C ALA B 369 17.19 5.37 18.97
N ARG B 370 16.18 5.69 18.15
CA ARG B 370 16.40 6.49 16.95
C ARG B 370 17.10 7.77 17.38
N PRO B 371 18.01 8.28 16.56
CA PRO B 371 18.76 9.46 17.00
C PRO B 371 17.85 10.68 17.19
N PRO B 372 17.99 11.35 18.34
CA PRO B 372 17.11 12.47 18.67
C PRO B 372 17.59 13.77 18.02
N ILE B 373 17.53 13.78 16.69
CA ILE B 373 18.04 14.88 15.91
C ILE B 373 17.02 15.32 14.84
N PRO B 374 17.05 16.60 14.48
CA PRO B 374 16.06 17.12 13.53
C PRO B 374 16.16 16.52 12.14
N GLN B 375 17.31 15.90 11.83
CA GLN B 375 17.46 15.20 10.56
C GLN B 375 16.82 13.82 10.53
N TYR B 376 16.29 13.33 11.65
CA TYR B 376 15.95 11.92 11.67
C TYR B 376 14.84 11.55 10.63
N PRO B 377 13.80 12.36 10.51
CA PRO B 377 12.78 11.95 9.52
C PRO B 377 13.34 11.79 8.10
N GLN B 378 14.24 12.68 7.70
CA GLN B 378 14.90 12.53 6.40
C GLN B 378 15.74 11.25 6.32
N ILE B 379 16.45 10.95 7.38
CA ILE B 379 17.24 9.73 7.47
C ILE B 379 16.34 8.49 7.33
N SER B 380 15.23 8.46 8.04
CA SER B 380 14.29 7.35 7.97
C SER B 380 13.78 7.14 6.54
N GLU B 381 13.48 8.24 5.85
CA GLU B 381 13.08 8.16 4.46
C GLU B 381 14.12 7.40 3.60
N GLN B 382 15.41 7.66 3.86
CA GLN B 382 16.46 6.98 3.08
C GLN B 382 16.48 5.48 3.35
N ILE B 383 16.26 5.11 4.60
CA ILE B 383 16.25 3.69 4.98
C ILE B 383 15.04 2.98 4.34
N GLN B 384 13.88 3.63 4.36
CA GLN B 384 12.69 3.08 3.72
C GLN B 384 12.93 2.84 2.25
N THR B 385 13.50 3.83 1.56
CA THR B 385 13.77 3.71 0.14
C THR B 385 14.77 2.59 -0.14
N VAL B 387 15.33 -0.19 1.53
CA VAL B 387 14.70 -1.50 1.65
C VAL B 387 13.76 -1.74 0.48
N GLN B 388 12.99 -0.72 0.14
CA GLN B 388 11.98 -0.95 -0.87
C GLN B 388 12.62 -1.13 -2.25
N ARG B 389 13.72 -0.42 -2.51
CA ARG B 389 14.32 -0.55 -3.85
C ARG B 389 14.97 -1.94 -4.01
N VAL B 390 15.47 -2.51 -2.92
CA VAL B 390 15.92 -3.91 -2.93
C VAL B 390 14.72 -4.87 -3.19
N LEU B 391 13.62 -4.70 -2.45
CA LEU B 391 12.49 -5.60 -2.58
C LEU B 391 11.89 -5.55 -3.99
N LEU B 392 11.94 -4.37 -4.62
CA LEU B 392 11.38 -4.18 -5.98
C LEU B 392 12.31 -4.70 -7.09
N GLY B 393 13.57 -4.98 -6.74
CA GLY B 393 14.54 -5.48 -7.67
C GLY B 393 15.25 -4.40 -8.46
N GLU B 394 15.09 -3.15 -8.03
CA GLU B 394 15.68 -2.01 -8.72
C GLU B 394 17.16 -1.92 -8.40
N LEU B 395 17.52 -2.22 -7.16
CA LEU B 395 18.90 -2.15 -6.71
C LEU B 395 19.33 -3.43 -5.98
N THR B 396 20.62 -3.74 -6.08
CA THR B 396 21.17 -4.79 -5.25
C THR B 396 21.30 -4.25 -3.83
N PRO B 397 21.41 -5.13 -2.85
CA PRO B 397 21.60 -4.62 -1.49
C PRO B 397 22.87 -3.74 -1.38
N GLU B 398 23.93 -4.11 -2.09
CA GLU B 398 25.15 -3.32 -2.06
C GLU B 398 24.98 -1.92 -2.65
N GLU B 399 24.28 -1.81 -3.79
CA GLU B 399 24.03 -0.52 -4.41
C GLU B 399 23.17 0.34 -3.49
N ALA B 400 22.12 -0.27 -2.97
CA ALA B 400 21.13 0.43 -2.14
C ALA B 400 21.72 0.97 -0.85
N ILE B 401 22.50 0.15 -0.15
CA ILE B 401 23.03 0.58 1.13
C ILE B 401 24.09 1.66 0.92
N LYS B 402 24.83 1.58 -0.19
CA LYS B 402 25.81 2.60 -0.54
C LYS B 402 25.14 3.98 -0.77
N ILE B 403 24.10 3.99 -1.59
CA ILE B 403 23.35 5.23 -1.89
C ILE B 403 22.76 5.80 -0.60
N ALA B 404 22.15 4.94 0.19
CA ALA B 404 21.49 5.37 1.43
C ALA B 404 22.47 6.06 2.39
N ALA B 405 23.64 5.47 2.59
CA ALA B 405 24.61 6.03 3.51
C ALA B 405 25.17 7.33 2.99
N GLU B 406 25.45 7.38 1.69
CA GLU B 406 25.92 8.61 1.08
C GLU B 406 24.90 9.73 1.28
N ASN B 407 23.63 9.41 1.01
CA ASN B 407 22.57 10.38 1.18
C ASN B 407 22.38 10.82 2.62
N VAL B 408 22.47 9.88 3.55
CA VAL B 408 22.40 10.22 4.97
C VAL B 408 23.58 11.13 5.37
N ASN B 409 24.76 10.88 4.81
CA ASN B 409 25.90 11.70 5.16
C ASN B 409 25.71 13.13 4.66
N LYS B 410 25.06 13.28 3.51
CA LYS B 410 24.80 14.61 2.98
C LYS B 410 23.76 15.34 3.82
N ILE B 411 22.74 14.60 4.24
CA ILE B 411 21.72 15.15 5.15
C ILE B 411 22.36 15.68 6.41
N LEU B 412 23.34 14.95 6.92
CA LEU B 412 23.98 15.30 8.17
C LEU B 412 25.06 16.36 7.99
N GLY B 413 25.44 16.63 6.75
CA GLY B 413 26.49 17.60 6.47
C GLY B 413 25.94 18.99 6.27
#